data_5FBV
#
_entry.id   5FBV
#
_cell.length_a   48.536
_cell.length_b   102.782
_cell.length_c   186.141
_cell.angle_alpha   90.00
_cell.angle_beta   90.00
_cell.angle_gamma   90.00
#
_symmetry.space_group_name_H-M   'P 21 21 21'
#
loop_
_entity.id
_entity.type
_entity.pdbx_description
1 polymer 'Phosphatidylinositol 4-kinase beta,Phosphatidylinositol 4-kinase beta'
2 polymer 'Ras-related protein Rab-11A'
3 non-polymer '~{N}-[2-[[6-chloranyl-3-[3-(2-hydroxyethylsulfamoyl)-4-methoxy-phenyl]-2-methyl-imidazo[1,2-b]pyridazin-8-yl]amino]ethy l]ethanamide'
4 non-polymer "5'-GUANOSINE-DIPHOSPHATE-MONOTHIOPHOSPHATE"
#
loop_
_entity_poly.entity_id
_entity_poly.type
_entity_poly.pdbx_seq_one_letter_code
_entity_poly.pdbx_strand_id
1 'polypeptide(L)'
;SWLLRLFESKLFDISMAISYLYNSKEPGVQAYIGNRLFCFRNEDVDFYLPQLLNMYIHMDEDVGDAIKPYIVHRCRQSIN
FSLQCALLLGAYSSDMHISTQRHSRGTKLRKLILSDELKPAHRKRELPSLSPAPDTGLSPSKRTHQRSKSDATASISLSS
NLKRTASNPKVENEDEELSSSTESIDNSFSSPVRLAPEREFIKSLMAIGKRLATLPTKEQKTQRLISELSLLNHKLPARV
WLPTAGFDHHVVRVPHTQAVVLNSKDKAPYLIYVEVLECENFDTTSVPARIPENRRDPEDPSAVALKEPWQEKVRRIREG
SPYGHLPNWRLLSVIVKCGDDLRQELLAFQVLKQLQSIWEQERVPLWIKPYKILVISADSGMIEPVVNAVSIHQVKKQSQ
LSLLDYFLQEHGSYTTEAFLSAQRNFVQSCAGYCLVCYLLQVKDRHNGNILLDAEGHIIHIDFGFILSSSPRNLGFETSA
FKLTTEFVDVMGGLDGDMFNYYKMLMLQGLIAARKHMDKVVQIVEIMQQGSQLPCFHGSSTIRNLKERFHMSMTEEQLQL
LVEQMVDGSMRS
;
A
2 'polypeptide(L)'
;GAMGSMGTRDDEYDYLFKVVLIGDSGVGKSNLLSRFTRNEFNLESKSTIGVEFATRSIQVDGKTIKAQIWDTAGLERYRA
ITSAYYRGAVGALLVYDIAKHLTYENVERWLKELRDHADSNIVIMLVGNKSDLRHLRAVPTDEARAFAEKNGLSFIETSA
LDSTNVEAAFQTILTEIYRIVSQKQMSDRRENDMSPSNNVVPIHVPPTTENKPKVQCCQNI
;
B
#
loop_
_chem_comp.id
_chem_comp.type
_chem_comp.name
_chem_comp.formula
5W3 non-polymer '~{N}-[2-[[6-chloranyl-3-[3-(2-hydroxyethylsulfamoyl)-4-methoxy-phenyl]-2-methyl-imidazo[1,2-b]pyridazin-8-yl]amino]ethy l]ethanamide' 'C20 H25 Cl N6 O5 S'
GSP non-polymer 5'-GUANOSINE-DIPHOSPHATE-MONOTHIOPHOSPHATE 'C10 H16 N5 O13 P3 S'
#
# COMPACT_ATOMS: atom_id res chain seq x y z
N SER A 1 -1.10 23.31 -16.30
CA SER A 1 -2.38 22.98 -15.67
C SER A 1 -2.85 21.59 -16.11
N TRP A 2 -2.23 21.07 -17.16
CA TRP A 2 -2.61 19.81 -17.84
C TRP A 2 -2.41 18.58 -16.96
N LEU A 3 -1.38 18.64 -16.11
CA LEU A 3 -1.15 17.58 -15.16
C LEU A 3 -2.21 17.61 -14.04
N LEU A 4 -2.24 18.74 -13.33
CA LEU A 4 -3.23 19.02 -12.27
C LEU A 4 -4.63 18.77 -12.75
N ARG A 5 -4.81 18.95 -14.05
CA ARG A 5 -6.10 18.68 -14.62
C ARG A 5 -6.43 17.22 -14.37
N LEU A 6 -5.50 16.32 -14.72
CA LEU A 6 -5.73 14.88 -14.50
C LEU A 6 -5.98 14.52 -13.04
N PHE A 7 -5.08 14.99 -12.18
CA PHE A 7 -5.13 14.75 -10.75
C PHE A 7 -6.45 15.20 -10.13
N GLU A 8 -7.09 16.18 -10.75
CA GLU A 8 -8.37 16.68 -10.25
C GLU A 8 -9.54 16.00 -10.91
N SER A 9 -9.27 15.10 -11.85
CA SER A 9 -10.33 14.36 -12.53
C SER A 9 -10.79 13.14 -11.72
N LYS A 10 -11.86 12.51 -12.18
CA LYS A 10 -12.40 11.31 -11.54
C LYS A 10 -11.39 10.17 -11.74
N LEU A 11 -10.67 10.24 -12.86
CA LEU A 11 -9.65 9.27 -13.25
C LEU A 11 -8.59 9.07 -12.20
N PHE A 12 -8.50 10.00 -11.27
CA PHE A 12 -7.46 9.93 -10.27
C PHE A 12 -7.83 8.94 -9.16
N ASP A 13 -7.09 7.85 -9.08
CA ASP A 13 -7.22 6.93 -7.95
C ASP A 13 -5.90 6.64 -7.28
N ILE A 14 -6.01 6.02 -6.12
CA ILE A 14 -4.85 5.63 -5.30
C ILE A 14 -3.78 4.88 -6.11
N SER A 15 -4.23 4.11 -7.11
CA SER A 15 -3.31 3.38 -8.00
C SER A 15 -2.43 4.38 -8.72
N MET A 16 -3.10 5.26 -9.45
CA MET A 16 -2.47 6.34 -10.20
C MET A 16 -1.58 7.24 -9.38
N ALA A 17 -2.09 7.60 -8.22
CA ALA A 17 -1.37 8.46 -7.31
C ALA A 17 0.02 7.90 -7.09
N ILE A 18 0.07 6.64 -6.75
CA ILE A 18 1.33 6.01 -6.42
C ILE A 18 2.24 6.01 -7.62
N SER A 19 1.65 5.80 -8.78
CA SER A 19 2.46 5.75 -9.95
C SER A 19 3.21 7.03 -10.17
N TYR A 20 2.48 8.14 -10.09
CA TYR A 20 3.10 9.44 -10.31
C TYR A 20 4.06 9.70 -9.20
N LEU A 21 3.60 9.41 -8.00
CA LEU A 21 4.42 9.51 -6.81
C LEU A 21 5.70 8.68 -6.99
N TYR A 22 5.55 7.51 -7.62
CA TYR A 22 6.69 6.59 -7.80
C TYR A 22 7.66 7.10 -8.89
N ASN A 23 7.08 7.72 -9.92
CA ASN A 23 7.81 8.06 -11.16
C ASN A 23 8.25 9.54 -11.27
N SER A 24 7.33 10.44 -10.95
CA SER A 24 7.60 11.85 -11.04
C SER A 24 8.83 12.25 -10.27
N LYS A 25 9.67 13.06 -10.92
CA LYS A 25 10.84 13.61 -10.26
C LYS A 25 10.55 15.04 -9.79
N GLU A 26 9.33 15.51 -10.04
CA GLU A 26 9.02 16.86 -9.61
C GLU A 26 8.60 16.84 -8.16
N PRO A 27 9.37 17.49 -7.29
CA PRO A 27 9.00 17.45 -5.87
C PRO A 27 7.69 18.16 -5.57
N GLY A 28 7.27 19.06 -6.42
CA GLY A 28 6.05 19.78 -6.18
C GLY A 28 4.90 18.83 -6.34
N VAL A 29 5.06 17.84 -7.21
CA VAL A 29 4.04 16.86 -7.47
C VAL A 29 3.94 15.82 -6.37
N GLN A 30 5.11 15.29 -5.98
CA GLN A 30 5.27 14.32 -4.92
C GLN A 30 4.55 14.83 -3.69
N ALA A 31 4.87 16.06 -3.32
CA ALA A 31 4.29 16.75 -2.19
C ALA A 31 2.79 16.95 -2.41
N TYR A 32 2.39 17.30 -3.64
CA TYR A 32 0.95 17.41 -3.94
C TYR A 32 0.15 16.16 -3.67
N ILE A 33 0.76 15.02 -4.00
CA ILE A 33 0.11 13.72 -3.89
C ILE A 33 0.12 13.24 -2.43
N GLY A 34 1.27 13.42 -1.76
CA GLY A 34 1.39 13.19 -0.33
C GLY A 34 0.18 13.71 0.40
N ASN A 35 -0.29 14.88 0.01
CA ASN A 35 -1.47 15.47 0.62
C ASN A 35 -2.77 14.84 0.19
N ARG A 36 -2.84 14.43 -1.06
CA ARG A 36 -4.07 13.91 -1.58
C ARG A 36 -4.40 12.53 -1.00
N LEU A 37 -3.39 11.85 -0.45
CA LEU A 37 -3.64 10.55 0.15
C LEU A 37 -4.73 10.62 1.17
N PHE A 38 -4.78 11.70 1.93
CA PHE A 38 -5.78 11.85 2.98
C PHE A 38 -7.21 11.78 2.49
N CYS A 39 -7.47 12.26 1.26
CA CYS A 39 -8.84 12.27 0.75
C CYS A 39 -9.36 10.86 0.36
N PHE A 40 -8.46 9.94 0.07
CA PHE A 40 -8.85 8.62 -0.39
C PHE A 40 -9.35 7.81 0.79
N ARG A 41 -10.13 6.79 0.47
CA ARG A 41 -10.64 5.89 1.47
C ARG A 41 -9.51 5.09 1.99
N ASN A 42 -9.49 4.99 3.30
CA ASN A 42 -8.48 4.27 4.03
C ASN A 42 -8.25 2.90 3.40
N GLU A 43 -9.34 2.26 3.01
CA GLU A 43 -9.29 0.89 2.50
C GLU A 43 -8.51 0.80 1.21
N ASP A 44 -8.69 1.78 0.35
CA ASP A 44 -8.10 1.76 -0.97
C ASP A 44 -6.60 1.92 -0.88
N VAL A 45 -6.21 2.81 0.02
CA VAL A 45 -4.82 3.17 0.20
C VAL A 45 -4.08 2.06 0.90
N ASP A 46 -4.79 1.45 1.84
CA ASP A 46 -4.26 0.35 2.64
C ASP A 46 -3.55 -0.74 1.80
N PHE A 47 -4.19 -1.12 0.70
CA PHE A 47 -3.74 -2.17 -0.19
C PHE A 47 -2.29 -1.90 -0.67
N TYR A 48 -1.93 -0.63 -0.66
CA TYR A 48 -0.63 -0.21 -1.20
C TYR A 48 0.40 0.12 -0.13
N LEU A 49 0.06 -0.19 1.13
CA LEU A 49 0.90 0.13 2.28
C LEU A 49 2.32 -0.37 2.15
N PRO A 50 2.48 -1.56 1.56
CA PRO A 50 3.83 -2.10 1.40
C PRO A 50 4.63 -1.25 0.41
N GLN A 51 3.92 -0.70 -0.58
CA GLN A 51 4.60 0.10 -1.58
C GLN A 51 5.06 1.41 -1.02
N LEU A 52 4.12 2.13 -0.45
CA LEU A 52 4.38 3.40 0.20
C LEU A 52 5.60 3.27 1.15
N LEU A 53 5.53 2.28 2.06
CA LEU A 53 6.56 2.03 3.07
C LEU A 53 7.85 1.61 2.43
N ASN A 54 7.76 0.91 1.30
CA ASN A 54 9.00 0.55 0.64
C ASN A 54 9.73 1.75 0.07
N MET A 55 8.96 2.55 -0.67
CA MET A 55 9.42 3.81 -1.21
C MET A 55 9.99 4.68 -0.13
N TYR A 56 9.25 4.87 0.96
CA TYR A 56 9.80 5.66 2.07
C TYR A 56 11.22 5.25 2.36
N ILE A 57 11.44 3.96 2.45
CA ILE A 57 12.76 3.50 2.77
C ILE A 57 13.77 3.76 1.63
N HIS A 58 13.45 3.35 0.42
CA HIS A 58 14.48 3.19 -0.60
C HIS A 58 14.61 4.30 -1.61
N MET A 59 13.72 5.29 -1.52
CA MET A 59 13.67 6.39 -2.47
C MET A 59 14.19 7.69 -1.91
N ASP A 60 14.35 8.71 -2.76
CA ASP A 60 14.78 10.05 -2.33
C ASP A 60 13.94 10.64 -1.22
N GLU A 61 14.60 11.43 -0.37
CA GLU A 61 13.97 11.99 0.81
C GLU A 61 12.69 12.72 0.46
N ASP A 62 12.76 13.47 -0.64
CA ASP A 62 11.59 14.19 -1.17
C ASP A 62 10.40 13.26 -1.23
N VAL A 63 10.64 12.02 -1.70
CA VAL A 63 9.56 11.06 -1.89
C VAL A 63 9.03 10.62 -0.56
N GLY A 64 9.93 10.21 0.30
CA GLY A 64 9.58 9.94 1.67
C GLY A 64 8.79 11.04 2.37
N ASP A 65 9.28 12.27 2.30
CA ASP A 65 8.67 13.33 3.06
C ASP A 65 7.25 13.59 2.68
N ALA A 66 6.90 13.25 1.45
CA ALA A 66 5.54 13.48 1.02
C ALA A 66 4.60 12.44 1.59
N ILE A 67 5.16 11.24 1.75
CA ILE A 67 4.42 10.08 2.26
C ILE A 67 4.24 10.09 3.79
N LYS A 68 5.28 10.54 4.50
CA LYS A 68 5.36 10.37 5.95
C LYS A 68 4.11 10.91 6.69
N PRO A 69 3.71 12.16 6.40
CA PRO A 69 2.61 12.83 7.08
C PRO A 69 1.36 12.00 7.13
N TYR A 70 1.04 11.40 5.98
CA TYR A 70 -0.14 10.53 5.88
C TYR A 70 0.02 9.30 6.76
N ILE A 71 1.22 8.75 6.72
CA ILE A 71 1.43 7.54 7.46
C ILE A 71 1.24 7.79 8.93
N VAL A 72 1.95 8.78 9.43
CA VAL A 72 1.85 9.13 10.82
C VAL A 72 0.42 9.38 11.22
N HIS A 73 -0.30 10.12 10.38
CA HIS A 73 -1.71 10.36 10.63
C HIS A 73 -2.50 9.05 10.84
N ARG A 74 -2.32 8.07 9.96
CA ARG A 74 -3.02 6.80 10.08
C ARG A 74 -2.58 6.04 11.34
N CYS A 75 -1.27 6.03 11.56
CA CYS A 75 -0.64 5.42 12.71
C CYS A 75 -1.21 5.96 14.02
N ARG A 76 -1.56 7.24 14.01
CA ARG A 76 -2.07 7.94 15.21
C ARG A 76 -3.50 7.58 15.49
N GLN A 77 -4.18 7.10 14.49
CA GLN A 77 -5.59 6.81 14.65
C GLN A 77 -5.85 5.29 14.69
N SER A 78 -4.80 4.49 14.52
CA SER A 78 -4.92 3.03 14.50
C SER A 78 -3.62 2.36 14.90
N ILE A 79 -3.64 1.60 16.00
CA ILE A 79 -2.40 0.93 16.39
C ILE A 79 -2.20 -0.26 15.51
N ASN A 80 -3.32 -0.82 15.03
CA ASN A 80 -3.25 -1.87 14.03
C ASN A 80 -2.44 -1.36 12.87
N PHE A 81 -2.89 -0.23 12.34
CA PHE A 81 -2.19 0.41 11.28
C PHE A 81 -0.75 0.63 11.71
N SER A 82 -0.58 1.16 12.92
CA SER A 82 0.76 1.42 13.49
C SER A 82 1.61 0.18 13.42
N LEU A 83 1.02 -0.92 13.86
CA LEU A 83 1.71 -2.19 13.93
C LEU A 83 2.19 -2.63 12.60
N GLN A 84 1.25 -2.61 11.68
CA GLN A 84 1.51 -3.14 10.37
C GLN A 84 2.58 -2.30 9.73
N CYS A 85 2.53 -0.99 9.96
CA CYS A 85 3.59 -0.10 9.54
C CYS A 85 4.91 -0.49 10.11
N ALA A 86 4.94 -0.65 11.43
CA ALA A 86 6.18 -0.94 12.11
C ALA A 86 6.85 -2.21 11.61
N LEU A 87 6.04 -3.25 11.45
CA LEU A 87 6.51 -4.58 10.99
C LEU A 87 7.14 -4.53 9.60
N LEU A 88 6.45 -3.84 8.68
CA LEU A 88 6.91 -3.63 7.31
C LEU A 88 8.16 -2.78 7.23
N LEU A 89 8.16 -1.70 8.01
CA LEU A 89 9.34 -0.85 8.08
C LEU A 89 10.59 -1.66 8.34
N GLY A 90 10.47 -2.56 9.30
CA GLY A 90 11.58 -3.42 9.68
C GLY A 90 12.02 -4.48 8.71
N ALA A 91 11.05 -5.24 8.20
CA ALA A 91 11.30 -6.36 7.29
C ALA A 91 12.04 -5.95 6.04
N TYR A 92 11.71 -4.76 5.55
CA TYR A 92 12.22 -4.29 4.28
C TYR A 92 13.51 -3.45 4.35
N SER A 93 14.29 -3.57 5.41
CA SER A 93 15.60 -2.90 5.48
C SER A 93 16.63 -3.75 6.20
N SER A 94 17.43 -4.47 5.42
CA SER A 94 18.48 -5.31 5.97
C SER A 94 19.59 -5.50 4.94
N ARG A 105 17.23 5.38 7.25
CA ARG A 105 15.99 5.94 6.76
C ARG A 105 14.72 5.33 7.29
N GLY A 106 14.67 4.01 7.17
CA GLY A 106 13.57 3.21 7.67
C GLY A 106 13.55 3.26 9.18
N THR A 107 14.74 3.04 9.73
CA THR A 107 14.97 2.76 11.14
C THR A 107 14.44 3.90 11.99
N LYS A 108 14.71 5.12 11.53
CA LYS A 108 14.29 6.37 12.18
C LYS A 108 12.79 6.37 12.45
N LEU A 109 12.04 5.93 11.45
CA LEU A 109 10.60 5.97 11.53
C LEU A 109 9.97 4.85 12.36
N ARG A 110 10.53 3.65 12.26
CA ARG A 110 10.06 2.52 13.02
C ARG A 110 10.07 2.78 14.50
N LYS A 111 11.23 3.23 14.99
CA LYS A 111 11.41 3.56 16.40
C LYS A 111 10.41 4.58 16.87
N LEU A 112 10.12 5.55 16.02
CA LEU A 112 9.16 6.55 16.39
C LEU A 112 7.75 6.03 16.55
N ILE A 113 7.39 5.06 15.72
CA ILE A 113 6.05 4.46 15.74
C ILE A 113 5.77 3.56 16.92
N LEU A 114 6.74 2.73 17.22
CA LEU A 114 6.69 1.82 18.35
C LEU A 114 6.54 2.58 19.67
N SER A 115 7.13 3.78 19.70
CA SER A 115 6.93 4.73 20.79
C SER A 115 5.54 5.38 20.74
N ARG A 194 2.45 0.82 25.45
CA ARG A 194 1.82 1.34 24.23
C ARG A 194 1.41 0.32 23.17
N LEU A 195 2.41 -0.38 22.62
CA LEU A 195 2.15 -1.54 21.77
C LEU A 195 2.76 -2.78 22.35
N ALA A 196 3.30 -2.65 23.56
CA ALA A 196 4.07 -3.73 24.18
C ALA A 196 3.32 -5.08 24.29
N PRO A 197 2.04 -5.05 24.72
CA PRO A 197 1.21 -6.26 24.84
C PRO A 197 1.18 -7.07 23.57
N GLU A 198 0.93 -6.39 22.47
CA GLU A 198 0.85 -7.02 21.18
C GLU A 198 2.23 -7.55 20.78
N ARG A 199 3.26 -6.73 20.94
CA ARG A 199 4.60 -7.15 20.54
C ARG A 199 5.07 -8.38 21.38
N GLU A 200 4.62 -8.50 22.63
CA GLU A 200 4.97 -9.67 23.44
C GLU A 200 4.10 -10.86 23.01
N PHE A 201 2.83 -10.57 22.74
CA PHE A 201 1.92 -11.56 22.19
C PHE A 201 2.50 -12.18 20.93
N ILE A 202 3.04 -11.34 20.07
CA ILE A 202 3.61 -11.77 18.80
C ILE A 202 4.96 -12.48 18.96
N LYS A 203 5.82 -11.91 19.82
CA LYS A 203 7.13 -12.48 20.16
C LYS A 203 7.00 -13.90 20.68
N SER A 204 6.01 -14.07 21.55
CA SER A 204 5.75 -15.35 22.16
C SER A 204 5.34 -16.41 21.15
N LEU A 205 4.43 -16.05 20.26
CA LEU A 205 4.02 -16.94 19.19
C LEU A 205 5.20 -17.42 18.38
N MET A 206 6.06 -16.46 18.04
CA MET A 206 7.27 -16.74 17.30
C MET A 206 8.21 -17.61 18.08
N ALA A 207 8.33 -17.29 19.35
CA ALA A 207 9.23 -17.99 20.23
C ALA A 207 8.84 -19.50 20.31
N ILE A 208 7.54 -19.73 20.56
CA ILE A 208 6.97 -21.06 20.56
C ILE A 208 7.44 -21.84 19.36
N GLY A 209 7.21 -21.30 18.18
CA GLY A 209 7.59 -21.99 16.96
C GLY A 209 9.05 -22.42 16.90
N LYS A 210 9.96 -21.59 17.41
CA LYS A 210 11.39 -21.87 17.35
C LYS A 210 11.78 -23.06 18.22
N ARG A 211 11.05 -23.28 19.32
CA ARG A 211 11.36 -24.39 20.21
C ARG A 211 11.04 -25.72 19.56
N LEU A 212 9.96 -25.75 18.80
CA LEU A 212 9.55 -26.98 18.17
C LEU A 212 10.65 -27.51 17.25
N ALA A 213 11.66 -26.70 17.00
CA ALA A 213 12.76 -27.13 16.14
C ALA A 213 13.52 -28.37 16.66
N THR A 214 13.62 -28.51 17.97
CA THR A 214 14.29 -29.66 18.59
C THR A 214 13.52 -30.96 18.54
N LEU A 215 12.25 -30.87 18.21
CA LEU A 215 11.43 -32.05 18.12
C LEU A 215 11.29 -32.48 16.67
N PRO A 216 11.95 -33.60 16.32
CA PRO A 216 12.18 -34.06 14.95
C PRO A 216 10.97 -34.68 14.23
N THR A 217 9.88 -34.93 14.94
CA THR A 217 8.70 -35.45 14.26
C THR A 217 7.51 -34.51 14.37
N LYS A 218 6.67 -34.50 13.33
CA LYS A 218 5.46 -33.68 13.26
C LYS A 218 4.64 -33.84 14.54
N GLU A 219 4.31 -35.09 14.85
CA GLU A 219 3.52 -35.41 16.03
C GLU A 219 4.12 -34.93 17.38
N GLN A 220 5.44 -35.08 17.54
CA GLN A 220 6.08 -34.61 18.76
C GLN A 220 5.96 -33.11 18.91
N LYS A 221 6.13 -32.40 17.78
CA LYS A 221 6.04 -30.93 17.71
C LYS A 221 4.67 -30.48 18.19
N THR A 222 3.66 -31.12 17.60
CA THR A 222 2.26 -30.89 17.90
C THR A 222 1.94 -30.93 19.38
N GLN A 223 2.44 -31.94 20.07
CA GLN A 223 2.24 -32.02 21.50
C GLN A 223 2.90 -30.88 22.31
N ARG A 224 4.07 -30.40 21.90
CA ARG A 224 4.70 -29.33 22.68
C ARG A 224 3.92 -28.06 22.51
N LEU A 225 3.43 -27.89 21.30
CA LEU A 225 2.66 -26.72 20.98
C LEU A 225 1.41 -26.59 21.83
N ILE A 226 0.58 -27.63 21.83
CA ILE A 226 -0.69 -27.61 22.54
C ILE A 226 -0.45 -27.26 24.00
N SER A 227 0.52 -27.92 24.60
CA SER A 227 0.87 -27.66 25.98
C SER A 227 1.23 -26.18 26.17
N GLU A 228 2.13 -25.68 25.32
CA GLU A 228 2.69 -24.35 25.47
C GLU A 228 1.66 -23.25 25.13
N LEU A 229 0.75 -23.58 24.23
CA LEU A 229 -0.37 -22.70 23.93
C LEU A 229 -1.28 -22.55 25.15
N SER A 230 -1.38 -23.62 25.93
CA SER A 230 -2.23 -23.61 27.13
C SER A 230 -1.69 -22.54 28.08
N LEU A 231 -0.39 -22.31 28.00
CA LEU A 231 0.28 -21.29 28.79
C LEU A 231 -0.11 -19.88 28.34
N LEU A 232 -0.50 -19.74 27.09
CA LEU A 232 -0.86 -18.44 26.57
C LEU A 232 -2.07 -17.91 27.26
N ASN A 233 -3.03 -18.78 27.46
CA ASN A 233 -4.30 -18.37 28.00
C ASN A 233 -4.11 -17.69 29.33
N HIS A 234 -2.94 -17.84 29.92
CA HIS A 234 -2.64 -17.02 31.07
C HIS A 234 -2.52 -15.64 30.48
N LYS A 235 -2.95 -14.61 31.21
CA LYS A 235 -3.10 -13.28 30.62
C LYS A 235 -4.14 -13.51 29.56
N LEU A 236 -5.19 -14.21 29.97
CA LEU A 236 -6.02 -14.84 28.99
C LEU A 236 -6.46 -13.85 27.92
N PRO A 237 -7.19 -12.78 28.43
CA PRO A 237 -7.42 -11.72 27.46
C PRO A 237 -6.49 -10.55 27.60
N ALA A 238 -6.07 -9.96 26.49
CA ALA A 238 -5.08 -8.91 26.55
C ALA A 238 -5.20 -7.94 25.40
N ARG A 239 -4.45 -6.86 25.47
CA ARG A 239 -4.55 -5.82 24.46
C ARG A 239 -3.73 -6.29 23.28
N VAL A 240 -4.21 -7.34 22.62
CA VAL A 240 -3.62 -7.80 21.39
C VAL A 240 -4.66 -8.36 20.44
N TRP A 241 -4.37 -8.29 19.14
CA TRP A 241 -5.32 -8.66 18.12
C TRP A 241 -4.62 -9.35 16.95
N LEU A 242 -5.36 -10.06 16.13
CA LEU A 242 -4.77 -10.61 14.93
C LEU A 242 -4.93 -9.64 13.79
N PRO A 243 -3.82 -8.97 13.42
CA PRO A 243 -3.83 -8.06 12.28
C PRO A 243 -4.42 -8.63 11.02
N THR A 244 -4.32 -9.96 10.93
CA THR A 244 -4.82 -10.69 9.79
C THR A 244 -6.38 -10.90 9.81
N ALA A 245 -7.03 -10.34 10.83
CA ALA A 245 -8.47 -10.52 10.95
C ALA A 245 -9.04 -9.43 10.10
N GLY A 246 -10.08 -9.76 9.36
CA GLY A 246 -10.74 -8.78 8.53
C GLY A 246 -11.20 -7.54 9.29
N PHE A 247 -11.24 -7.64 10.61
CA PHE A 247 -11.92 -6.68 11.49
C PHE A 247 -11.16 -6.37 12.76
N ASP A 248 -11.69 -5.44 13.55
CA ASP A 248 -11.09 -5.11 14.84
C ASP A 248 -11.66 -6.09 15.85
N HIS A 249 -10.86 -6.46 16.83
CA HIS A 249 -11.25 -7.48 17.83
C HIS A 249 -10.24 -7.52 18.97
N HIS A 250 -10.56 -8.25 20.04
CA HIS A 250 -9.59 -8.63 21.09
C HIS A 250 -9.50 -10.14 21.14
N VAL A 251 -8.28 -10.65 21.26
CA VAL A 251 -8.09 -12.08 21.50
C VAL A 251 -8.36 -12.40 22.95
N VAL A 252 -9.22 -13.38 23.15
CA VAL A 252 -9.61 -13.75 24.49
C VAL A 252 -9.05 -15.12 24.90
N ARG A 253 -8.98 -16.04 23.94
CA ARG A 253 -8.71 -17.45 24.24
C ARG A 253 -8.11 -18.19 23.06
N VAL A 254 -7.20 -19.10 23.40
CA VAL A 254 -6.63 -19.97 22.41
C VAL A 254 -7.06 -21.41 22.74
N PRO A 255 -7.93 -21.99 21.92
CA PRO A 255 -8.31 -23.41 22.14
C PRO A 255 -7.15 -24.34 21.78
N HIS A 256 -6.15 -24.36 22.66
CA HIS A 256 -4.89 -25.03 22.43
C HIS A 256 -4.99 -26.48 21.97
N THR A 257 -5.99 -27.22 22.47
CA THR A 257 -6.14 -28.60 22.08
C THR A 257 -6.39 -28.81 20.57
N GLN A 258 -6.87 -27.77 19.89
CA GLN A 258 -7.23 -27.83 18.46
C GLN A 258 -6.12 -27.52 17.46
N ALA A 259 -5.06 -26.88 17.95
CA ALA A 259 -3.91 -26.46 17.16
C ALA A 259 -3.07 -27.61 16.62
N VAL A 260 -2.45 -27.44 15.45
CA VAL A 260 -1.65 -28.51 14.82
C VAL A 260 -0.38 -28.13 14.04
N VAL A 261 0.63 -28.99 14.01
CA VAL A 261 1.82 -28.63 13.23
C VAL A 261 1.72 -29.36 11.92
N LEU A 262 2.12 -28.61 10.89
CA LEU A 262 1.81 -28.90 9.51
C LEU A 262 2.88 -29.68 8.82
N ASN A 263 4.11 -29.60 9.31
CA ASN A 263 5.06 -30.54 8.76
C ASN A 263 6.14 -30.87 9.76
N SER A 264 7.01 -31.77 9.32
CA SER A 264 8.07 -32.27 10.14
C SER A 264 9.36 -31.50 9.95
N LYS A 265 9.33 -30.40 9.20
CA LYS A 265 10.57 -29.69 8.91
C LYS A 265 11.14 -29.03 10.15
N ASP A 266 12.40 -28.63 10.01
CA ASP A 266 13.18 -28.10 11.11
C ASP A 266 12.48 -26.91 11.79
N LYS A 267 12.05 -25.95 10.98
CA LYS A 267 11.30 -24.79 11.46
C LYS A 267 9.91 -24.86 10.86
N ALA A 268 9.19 -25.90 11.25
CA ALA A 268 7.87 -26.21 10.70
C ALA A 268 6.89 -25.12 11.02
N PRO A 269 6.00 -24.78 10.06
CA PRO A 269 4.93 -23.82 10.37
C PRO A 269 3.78 -24.43 11.11
N TYR A 270 3.00 -23.66 11.86
CA TYR A 270 1.91 -24.28 12.61
C TYR A 270 0.62 -23.51 12.65
N LEU A 271 -0.50 -24.22 12.63
CA LEU A 271 -1.81 -23.63 12.53
C LEU A 271 -2.45 -23.51 13.86
N ILE A 272 -3.07 -22.37 14.14
CA ILE A 272 -3.77 -22.28 15.40
C ILE A 272 -5.14 -21.66 15.26
N TYR A 273 -6.02 -22.01 16.18
CA TYR A 273 -7.31 -21.38 16.28
C TYR A 273 -7.29 -20.44 17.45
N VAL A 274 -7.92 -19.28 17.23
CA VAL A 274 -7.93 -18.20 18.20
C VAL A 274 -9.35 -17.71 18.45
N GLU A 275 -9.70 -17.47 19.71
CA GLU A 275 -11.00 -16.93 20.02
C GLU A 275 -10.88 -15.42 20.21
N VAL A 276 -11.88 -14.70 19.72
CA VAL A 276 -11.84 -13.25 19.80
C VAL A 276 -13.21 -12.71 20.07
N LEU A 277 -13.21 -11.54 20.67
CA LEU A 277 -14.42 -10.76 20.82
C LEU A 277 -14.37 -9.49 19.93
N GLU A 278 -15.32 -9.40 19.00
CA GLU A 278 -15.35 -8.34 17.99
C GLU A 278 -15.44 -6.94 18.60
N CYS A 279 -14.83 -5.97 17.95
CA CYS A 279 -14.97 -4.59 18.37
C CYS A 279 -15.73 -3.69 17.39
N GLU A 280 -16.16 -2.52 17.85
CA GLU A 280 -16.52 -1.43 16.95
C GLU A 280 -15.30 -0.56 16.68
N ASN A 281 -14.47 -0.37 17.71
CA ASN A 281 -13.15 0.16 17.50
C ASN A 281 -12.21 -0.37 18.56
N PHE A 282 -11.08 -0.93 18.13
CA PHE A 282 -10.10 -1.46 19.07
C PHE A 282 -9.51 -0.38 19.97
N ASP A 283 -9.28 0.80 19.39
CA ASP A 283 -8.45 1.83 20.00
C ASP A 283 -9.13 2.47 21.21
N THR A 284 -10.44 2.25 21.36
CA THR A 284 -11.24 2.91 22.41
C THR A 284 -11.98 2.05 23.46
N THR A 285 -11.72 0.73 23.48
CA THR A 285 -12.61 -0.18 24.24
C THR A 285 -11.83 -1.07 25.25
N SER A 286 -12.38 -1.21 26.45
CA SER A 286 -11.72 -1.92 27.54
C SER A 286 -11.51 -3.39 27.25
N VAL A 287 -10.36 -3.95 27.66
CA VAL A 287 -10.12 -5.39 27.47
C VAL A 287 -11.15 -6.15 28.28
N PRO A 288 -11.74 -7.20 27.70
CA PRO A 288 -12.79 -7.98 28.35
C PRO A 288 -12.29 -8.70 29.60
N ALA A 289 -13.20 -9.23 30.41
CA ALA A 289 -12.84 -9.88 31.65
C ALA A 289 -12.63 -11.37 31.44
N ARG A 290 -11.72 -11.95 32.20
CA ARG A 290 -11.45 -13.37 32.08
C ARG A 290 -12.68 -14.19 32.43
N ILE A 291 -12.85 -15.29 31.73
CA ILE A 291 -13.87 -16.25 32.04
C ILE A 291 -13.21 -17.64 32.23
N PRO A 292 -13.35 -18.23 33.43
CA PRO A 292 -12.43 -19.27 33.90
C PRO A 292 -12.67 -20.51 33.07
N GLU A 293 -11.63 -21.12 32.52
CA GLU A 293 -11.76 -22.41 31.86
C GLU A 293 -12.20 -23.55 32.81
N ASN A 294 -12.45 -24.75 32.26
CA ASN A 294 -12.37 -26.02 33.02
C ASN A 294 -11.53 -27.06 32.28
N VAL A 304 -11.03 -31.65 22.49
CA VAL A 304 -10.56 -32.77 21.66
C VAL A 304 -10.49 -32.32 20.20
N ALA A 305 -9.45 -32.73 19.49
CA ALA A 305 -9.18 -32.29 18.10
C ALA A 305 -9.26 -33.38 17.02
N LEU A 306 -10.11 -33.18 16.01
CA LEU A 306 -10.14 -34.10 14.87
C LEU A 306 -10.43 -33.44 13.51
N LYS A 307 -10.18 -34.21 12.44
CA LYS A 307 -10.47 -33.80 11.06
C LYS A 307 -11.95 -33.50 10.83
N GLU A 308 -12.27 -32.22 10.66
CA GLU A 308 -13.65 -31.77 10.47
C GLU A 308 -13.73 -30.45 9.69
N PRO A 309 -14.83 -30.26 8.94
CA PRO A 309 -15.19 -29.02 8.23
C PRO A 309 -15.11 -27.82 9.13
N TRP A 310 -15.05 -26.64 8.54
CA TRP A 310 -14.80 -25.45 9.34
C TRP A 310 -15.97 -25.11 10.30
N GLN A 311 -17.21 -25.20 9.84
CA GLN A 311 -18.35 -24.82 10.68
C GLN A 311 -18.57 -25.76 11.85
N GLU A 312 -18.20 -27.03 11.64
CA GLU A 312 -18.24 -28.03 12.68
C GLU A 312 -17.19 -27.80 13.77
N LYS A 313 -16.04 -27.23 13.38
CA LYS A 313 -14.95 -26.95 14.33
C LYS A 313 -15.32 -25.76 15.20
N VAL A 314 -16.06 -24.82 14.63
CA VAL A 314 -16.50 -23.70 15.42
C VAL A 314 -17.46 -24.15 16.50
N ARG A 315 -18.42 -25.00 16.13
CA ARG A 315 -19.36 -25.60 17.08
C ARG A 315 -18.60 -26.21 18.26
N ARG A 316 -17.73 -27.15 17.94
CA ARG A 316 -16.99 -27.88 18.96
C ARG A 316 -16.18 -26.94 19.86
N ILE A 317 -15.50 -25.97 19.26
CA ILE A 317 -14.65 -25.06 20.01
C ILE A 317 -15.49 -24.13 20.85
N ARG A 318 -16.55 -23.64 20.24
CA ARG A 318 -17.44 -22.67 20.84
C ARG A 318 -18.07 -23.27 22.10
N GLU A 319 -18.67 -24.46 21.94
CA GLU A 319 -19.36 -25.18 23.03
C GLU A 319 -18.46 -25.40 24.23
N GLY A 320 -17.19 -25.67 23.97
CA GLY A 320 -16.22 -25.81 25.02
C GLY A 320 -15.73 -24.49 25.58
N SER A 321 -15.94 -23.39 24.87
CA SER A 321 -15.28 -22.16 25.30
C SER A 321 -16.06 -21.43 26.36
N PRO A 322 -15.33 -20.93 27.36
CA PRO A 322 -15.86 -20.05 28.40
C PRO A 322 -16.64 -18.92 27.82
N TYR A 323 -16.09 -18.32 26.78
CA TYR A 323 -16.64 -17.11 26.19
C TYR A 323 -17.67 -17.40 25.12
N GLY A 324 -17.87 -18.69 24.81
CA GLY A 324 -18.62 -19.11 23.64
C GLY A 324 -20.07 -18.61 23.63
N HIS A 325 -20.64 -18.39 24.81
CA HIS A 325 -22.00 -17.89 24.92
C HIS A 325 -22.21 -16.47 24.36
N LEU A 326 -21.18 -15.62 24.43
CA LEU A 326 -21.33 -14.23 23.97
C LEU A 326 -21.59 -14.13 22.47
N PRO A 327 -22.43 -13.15 22.07
CA PRO A 327 -22.70 -12.95 20.64
C PRO A 327 -21.51 -12.31 20.00
N ASN A 328 -20.71 -11.70 20.86
CA ASN A 328 -19.52 -10.96 20.48
C ASN A 328 -18.40 -11.89 19.99
N TRP A 329 -18.58 -13.19 20.14
CA TRP A 329 -17.49 -14.16 20.07
C TRP A 329 -17.35 -14.68 18.65
N ARG A 330 -16.12 -14.70 18.17
CA ARG A 330 -15.83 -15.23 16.86
C ARG A 330 -14.51 -15.97 16.86
N LEU A 331 -14.37 -16.89 15.93
CA LEU A 331 -13.17 -17.69 15.85
C LEU A 331 -12.29 -17.32 14.66
N LEU A 332 -11.02 -17.07 14.95
CA LEU A 332 -10.08 -16.78 13.90
C LEU A 332 -9.05 -17.90 13.81
N SER A 333 -8.18 -17.80 12.81
CA SER A 333 -7.15 -18.80 12.56
C SER A 333 -5.94 -18.16 11.89
N VAL A 334 -4.75 -18.54 12.29
CA VAL A 334 -3.55 -18.12 11.57
C VAL A 334 -2.52 -19.24 11.52
N ILE A 335 -1.77 -19.27 10.44
CA ILE A 335 -0.61 -20.14 10.34
C ILE A 335 0.56 -19.34 10.80
N VAL A 336 1.40 -19.89 11.65
CA VAL A 336 2.54 -19.14 12.13
C VAL A 336 3.84 -19.64 11.54
N LYS A 337 4.51 -18.80 10.78
CA LYS A 337 5.79 -19.18 10.19
C LYS A 337 6.89 -18.41 10.89
N CYS A 338 7.64 -19.05 11.75
CA CYS A 338 8.63 -18.32 12.54
C CYS A 338 9.92 -18.10 11.75
N GLY A 339 10.21 -19.00 10.81
CA GLY A 339 11.45 -18.94 10.05
C GLY A 339 11.40 -18.90 8.53
N ASP A 340 10.26 -18.44 8.00
CA ASP A 340 10.07 -18.37 6.55
C ASP A 340 9.82 -16.90 6.11
N ASP A 341 10.48 -16.47 5.03
CA ASP A 341 10.23 -15.10 4.57
C ASP A 341 8.86 -14.96 3.89
N LEU A 342 8.13 -13.88 4.17
CA LEU A 342 6.82 -13.74 3.58
C LEU A 342 6.70 -12.53 2.70
N ARG A 343 7.82 -11.96 2.31
CA ARG A 343 7.72 -10.71 1.61
C ARG A 343 7.31 -11.02 0.19
N GLN A 344 7.86 -12.10 -0.38
CA GLN A 344 7.38 -12.56 -1.67
C GLN A 344 5.95 -13.03 -1.58
N GLU A 345 5.66 -13.62 -0.44
CA GLU A 345 4.36 -14.19 -0.22
C GLU A 345 3.29 -13.11 -0.23
N LEU A 346 3.64 -12.00 0.41
CA LEU A 346 2.85 -10.77 0.41
C LEU A 346 2.69 -10.18 -0.98
N LEU A 347 3.81 -10.12 -1.69
CA LEU A 347 3.82 -9.57 -3.04
C LEU A 347 2.87 -10.27 -3.97
N ALA A 348 2.91 -11.60 -3.93
CA ALA A 348 2.08 -12.45 -4.75
C ALA A 348 0.63 -12.17 -4.36
N PHE A 349 0.44 -11.89 -3.08
CA PHE A 349 -0.89 -11.65 -2.55
C PHE A 349 -1.51 -10.46 -3.20
N GLN A 350 -0.74 -9.38 -3.24
CA GLN A 350 -1.15 -8.12 -3.88
C GLN A 350 -1.41 -8.38 -5.35
N VAL A 351 -0.52 -9.13 -5.98
CA VAL A 351 -0.71 -9.42 -7.37
C VAL A 351 -1.97 -10.25 -7.54
N LEU A 352 -2.19 -11.20 -6.64
CA LEU A 352 -3.36 -12.06 -6.77
C LEU A 352 -4.64 -11.30 -6.57
N LYS A 353 -4.55 -10.40 -5.61
CA LYS A 353 -5.68 -9.63 -5.21
C LYS A 353 -6.13 -8.68 -6.34
N GLN A 354 -5.17 -8.03 -7.02
CA GLN A 354 -5.49 -7.18 -8.17
C GLN A 354 -6.16 -7.96 -9.31
N LEU A 355 -5.54 -9.07 -9.67
CA LEU A 355 -6.00 -9.92 -10.75
C LEU A 355 -7.38 -10.38 -10.44
N GLN A 356 -7.62 -10.54 -9.15
CA GLN A 356 -8.92 -10.98 -8.73
C GLN A 356 -9.90 -9.89 -9.10
N SER A 357 -9.51 -8.64 -8.80
CA SER A 357 -10.30 -7.45 -9.13
C SER A 357 -10.46 -7.23 -10.59
N ILE A 358 -9.36 -7.42 -11.32
CA ILE A 358 -9.40 -7.26 -12.77
C ILE A 358 -10.46 -8.17 -13.36
N TRP A 359 -10.47 -9.43 -12.97
CA TRP A 359 -11.42 -10.39 -13.55
C TRP A 359 -12.84 -10.14 -13.08
N GLU A 360 -12.97 -9.56 -11.89
CA GLU A 360 -14.27 -9.15 -11.36
C GLU A 360 -14.78 -7.96 -12.12
N GLN A 361 -13.91 -6.97 -12.38
CA GLN A 361 -14.28 -5.74 -13.10
C GLN A 361 -14.73 -6.02 -14.54
N GLU A 362 -13.87 -6.69 -15.31
CA GLU A 362 -14.26 -7.36 -16.55
C GLU A 362 -15.18 -8.46 -16.11
N ARG A 363 -15.75 -9.22 -17.02
CA ARG A 363 -16.70 -10.19 -16.50
C ARG A 363 -16.26 -11.60 -16.83
N VAL A 364 -15.14 -11.97 -16.22
CA VAL A 364 -14.48 -13.24 -16.52
C VAL A 364 -14.59 -14.10 -15.30
N PRO A 365 -15.28 -15.26 -15.46
CA PRO A 365 -15.56 -15.99 -14.24
C PRO A 365 -14.46 -16.98 -13.81
N LEU A 366 -13.20 -16.60 -13.97
CA LEU A 366 -12.08 -17.26 -13.34
C LEU A 366 -12.27 -17.16 -11.85
N TRP A 367 -11.62 -18.06 -11.10
CA TRP A 367 -11.71 -18.09 -9.63
C TRP A 367 -10.32 -18.22 -9.03
N ILE A 368 -10.00 -17.35 -8.07
CA ILE A 368 -8.79 -17.53 -7.30
C ILE A 368 -9.01 -17.06 -5.86
N LYS A 369 -8.08 -17.43 -4.97
CA LYS A 369 -8.20 -17.12 -3.55
C LYS A 369 -6.87 -16.65 -3.00
N PRO A 370 -6.70 -15.33 -2.87
CA PRO A 370 -5.60 -14.71 -2.14
C PRO A 370 -5.79 -15.04 -0.68
N TYR A 371 -4.75 -15.44 0.00
CA TYR A 371 -4.88 -15.66 1.41
C TYR A 371 -4.02 -14.59 2.01
N LYS A 372 -4.57 -13.96 3.05
CA LYS A 372 -3.94 -12.81 3.70
C LYS A 372 -2.56 -13.13 4.25
N ILE A 373 -1.69 -12.14 4.25
CA ILE A 373 -0.33 -12.35 4.68
C ILE A 373 -0.02 -11.32 5.74
N LEU A 374 0.74 -11.69 6.75
CA LEU A 374 1.21 -10.67 7.69
C LEU A 374 2.71 -10.76 7.85
N VAL A 375 3.44 -9.79 7.34
CA VAL A 375 4.88 -9.75 7.56
C VAL A 375 5.23 -9.27 8.98
N ILE A 376 6.07 -10.05 9.67
CA ILE A 376 6.50 -9.73 11.03
C ILE A 376 7.98 -9.40 11.06
N SER A 377 8.74 -10.15 10.28
CA SER A 377 10.14 -9.83 10.08
C SER A 377 10.43 -10.30 8.68
N ALA A 378 11.67 -10.09 8.26
CA ALA A 378 12.11 -10.65 7.01
C ALA A 378 12.22 -12.12 7.23
N ASP A 379 12.45 -12.51 8.49
CA ASP A 379 12.40 -13.92 8.97
C ASP A 379 11.02 -14.51 9.03
N SER A 380 10.05 -13.77 9.55
CA SER A 380 8.85 -14.35 10.09
C SER A 380 7.49 -13.72 9.82
N GLY A 381 6.45 -14.53 9.83
CA GLY A 381 5.10 -14.11 9.50
C GLY A 381 3.95 -15.00 9.98
N MET A 382 2.73 -14.55 9.72
CA MET A 382 1.55 -15.36 9.93
C MET A 382 0.78 -15.39 8.62
N ILE A 383 -0.06 -16.41 8.42
CA ILE A 383 -0.94 -16.48 7.24
C ILE A 383 -2.37 -16.75 7.64
N GLU A 384 -3.35 -16.04 7.10
CA GLU A 384 -4.72 -16.45 7.35
C GLU A 384 -5.04 -17.57 6.38
N PRO A 385 -5.30 -18.77 6.91
CA PRO A 385 -5.46 -19.98 6.12
C PRO A 385 -6.86 -20.03 5.57
N VAL A 386 -7.00 -20.71 4.44
CA VAL A 386 -8.30 -21.06 3.85
C VAL A 386 -8.93 -22.21 4.60
N VAL A 387 -10.18 -22.08 5.05
CA VAL A 387 -10.80 -23.25 5.66
C VAL A 387 -11.56 -24.18 4.70
N ASN A 388 -11.86 -25.39 5.20
CA ASN A 388 -12.48 -26.45 4.41
C ASN A 388 -11.69 -26.81 3.16
N ALA A 389 -10.38 -26.98 3.30
CA ALA A 389 -9.53 -27.36 2.17
C ALA A 389 -8.31 -28.15 2.63
N VAL A 390 -7.88 -29.13 1.84
CA VAL A 390 -6.67 -29.92 2.14
C VAL A 390 -5.89 -30.24 0.88
N SER A 391 -4.58 -30.46 1.06
CA SER A 391 -3.69 -30.63 -0.08
C SER A 391 -4.12 -31.78 -0.92
N ILE A 392 -3.94 -31.66 -2.23
CA ILE A 392 -4.24 -32.76 -3.12
C ILE A 392 -3.46 -34.02 -2.76
N HIS A 393 -2.19 -33.83 -2.43
CA HIS A 393 -1.31 -34.97 -2.19
C HIS A 393 -1.89 -35.76 -1.01
N GLN A 394 -2.28 -35.06 0.05
CA GLN A 394 -2.80 -35.74 1.23
C GLN A 394 -4.23 -36.14 0.95
N VAL A 395 -4.94 -35.39 0.14
CA VAL A 395 -6.25 -35.86 -0.34
C VAL A 395 -6.13 -37.23 -1.07
N LYS A 396 -5.02 -37.48 -1.76
CA LYS A 396 -4.79 -38.76 -2.47
C LYS A 396 -4.27 -39.89 -1.56
N LYS A 397 -3.66 -39.52 -0.44
CA LYS A 397 -3.15 -40.48 0.52
C LYS A 397 -4.24 -40.90 1.49
N GLN A 398 -5.13 -39.99 1.85
CA GLN A 398 -6.26 -40.40 2.69
C GLN A 398 -7.39 -41.07 1.90
N SER A 399 -7.68 -40.60 0.69
CA SER A 399 -8.74 -41.21 -0.14
C SER A 399 -8.34 -42.52 -0.82
N GLN A 400 -7.07 -42.62 -1.19
CA GLN A 400 -6.56 -43.69 -2.06
C GLN A 400 -7.19 -43.61 -3.43
N LEU A 401 -7.77 -42.45 -3.72
CA LEU A 401 -8.44 -42.25 -4.99
C LEU A 401 -7.64 -41.42 -5.98
N SER A 402 -8.07 -41.46 -7.23
CA SER A 402 -7.70 -40.48 -8.24
C SER A 402 -8.56 -39.27 -8.02
N LEU A 403 -8.02 -38.11 -8.37
CA LEU A 403 -8.72 -36.85 -8.18
C LEU A 403 -10.16 -36.83 -8.65
N LEU A 404 -10.37 -37.32 -9.86
CA LEU A 404 -11.71 -37.41 -10.40
C LEU A 404 -12.64 -38.22 -9.55
N ASP A 405 -12.17 -39.39 -9.16
CA ASP A 405 -12.92 -40.26 -8.30
C ASP A 405 -13.36 -39.61 -7.00
N TYR A 406 -12.45 -38.84 -6.42
CA TYR A 406 -12.72 -38.17 -5.16
C TYR A 406 -13.84 -37.18 -5.31
N PHE A 407 -13.81 -36.46 -6.43
CA PHE A 407 -14.89 -35.55 -6.82
C PHE A 407 -16.23 -36.30 -6.83
N LEU A 408 -16.17 -37.46 -7.50
CA LEU A 408 -17.31 -38.35 -7.67
C LEU A 408 -17.81 -38.90 -6.35
N GLN A 409 -16.88 -39.26 -5.49
CA GLN A 409 -17.24 -39.70 -4.14
C GLN A 409 -17.90 -38.60 -3.32
N GLU A 410 -17.27 -37.41 -3.34
CA GLU A 410 -17.62 -36.35 -2.41
C GLU A 410 -18.76 -35.47 -2.85
N HIS A 411 -19.08 -35.48 -4.14
CA HIS A 411 -20.15 -34.60 -4.61
C HIS A 411 -21.29 -35.39 -5.28
N GLY A 412 -20.92 -36.38 -6.08
CA GLY A 412 -21.89 -37.27 -6.69
C GLY A 412 -21.55 -37.66 -8.11
N SER A 413 -22.44 -38.43 -8.75
CA SER A 413 -22.20 -38.86 -10.12
C SER A 413 -22.28 -37.70 -11.12
N TYR A 414 -21.79 -37.94 -12.33
CA TYR A 414 -21.79 -36.97 -13.41
C TYR A 414 -23.17 -36.33 -13.68
N THR A 415 -24.23 -37.08 -13.36
CA THR A 415 -25.60 -36.58 -13.33
C THR A 415 -26.03 -35.75 -12.11
N THR A 416 -25.15 -35.54 -11.14
CA THR A 416 -25.54 -34.74 -9.98
C THR A 416 -25.19 -33.27 -10.10
N GLU A 417 -25.95 -32.45 -9.38
CA GLU A 417 -25.69 -31.02 -9.31
C GLU A 417 -24.35 -30.73 -8.64
N ALA A 418 -24.18 -31.32 -7.45
CA ALA A 418 -22.98 -31.15 -6.63
C ALA A 418 -21.72 -31.40 -7.43
N PHE A 419 -21.79 -32.36 -8.34
CA PHE A 419 -20.60 -32.61 -9.12
C PHE A 419 -20.36 -31.55 -10.19
N LEU A 420 -21.38 -31.25 -10.99
CA LEU A 420 -21.21 -30.32 -12.12
C LEU A 420 -20.82 -28.95 -11.60
N SER A 421 -21.41 -28.60 -10.46
CA SER A 421 -21.03 -27.40 -9.74
C SER A 421 -19.56 -27.46 -9.33
N ALA A 422 -19.17 -28.59 -8.76
CA ALA A 422 -17.80 -28.80 -8.32
C ALA A 422 -16.86 -28.82 -9.52
N GLN A 423 -17.35 -29.41 -10.61
CA GLN A 423 -16.56 -29.48 -11.82
C GLN A 423 -16.29 -28.08 -12.37
N ARG A 424 -17.34 -27.24 -12.41
CA ARG A 424 -17.22 -25.86 -12.89
C ARG A 424 -16.23 -25.06 -12.10
N ASN A 425 -16.37 -25.14 -10.78
CA ASN A 425 -15.46 -24.52 -9.84
C ASN A 425 -14.08 -25.09 -10.01
N PHE A 426 -13.98 -26.37 -10.32
CA PHE A 426 -12.67 -26.92 -10.62
C PHE A 426 -12.07 -26.22 -11.80
N VAL A 427 -12.84 -26.21 -12.87
CA VAL A 427 -12.33 -25.69 -14.12
C VAL A 427 -11.96 -24.22 -14.00
N GLN A 428 -12.81 -23.46 -13.32
CA GLN A 428 -12.56 -22.05 -13.12
C GLN A 428 -11.38 -21.72 -12.25
N SER A 429 -11.16 -22.50 -11.23
CA SER A 429 -10.03 -22.26 -10.32
C SER A 429 -8.73 -22.69 -11.02
N CYS A 430 -8.84 -23.66 -11.93
CA CYS A 430 -7.68 -24.07 -12.69
C CYS A 430 -7.18 -23.01 -13.66
N ALA A 431 -8.12 -22.42 -14.41
CA ALA A 431 -7.78 -21.39 -15.39
C ALA A 431 -7.18 -20.18 -14.70
N GLY A 432 -7.84 -19.78 -13.61
CA GLY A 432 -7.35 -18.72 -12.76
C GLY A 432 -5.91 -18.98 -12.36
N TYR A 433 -5.70 -20.13 -11.74
CA TYR A 433 -4.41 -20.41 -11.16
C TYR A 433 -3.42 -20.73 -12.27
N CYS A 434 -3.90 -21.23 -13.39
CA CYS A 434 -3.01 -21.38 -14.53
C CYS A 434 -2.46 -19.99 -14.90
N LEU A 435 -3.35 -19.00 -15.03
CA LEU A 435 -2.94 -17.65 -15.48
C LEU A 435 -2.03 -17.01 -14.50
N VAL A 436 -2.37 -17.16 -13.22
CA VAL A 436 -1.54 -16.64 -12.16
C VAL A 436 -0.19 -17.26 -12.21
N CYS A 437 -0.11 -18.57 -12.40
CA CYS A 437 1.18 -19.22 -12.50
C CYS A 437 1.95 -18.71 -13.67
N TYR A 438 1.24 -18.56 -14.78
CA TYR A 438 1.91 -18.11 -15.96
C TYR A 438 2.42 -16.67 -15.81
N LEU A 439 1.53 -15.73 -15.50
CA LEU A 439 1.93 -14.34 -15.34
C LEU A 439 3.03 -14.13 -14.32
N LEU A 440 2.91 -14.78 -13.16
CA LEU A 440 3.94 -14.66 -12.14
C LEU A 440 5.12 -15.64 -12.28
N GLN A 441 5.07 -16.48 -13.30
CA GLN A 441 6.03 -17.56 -13.49
C GLN A 441 6.24 -18.30 -12.17
N VAL A 442 5.15 -18.83 -11.62
CA VAL A 442 5.21 -19.62 -10.41
C VAL A 442 5.72 -21.00 -10.70
N LYS A 443 6.70 -21.43 -9.92
CA LYS A 443 7.30 -22.73 -10.11
C LYS A 443 7.13 -23.57 -8.87
N ASP A 444 7.79 -24.73 -8.88
CA ASP A 444 7.69 -25.66 -7.78
C ASP A 444 6.21 -26.03 -7.56
N ARG A 445 5.56 -26.36 -8.66
CA ARG A 445 4.13 -26.65 -8.60
C ARG A 445 3.88 -28.15 -8.44
N HIS A 446 3.29 -28.52 -7.31
CA HIS A 446 2.93 -29.92 -7.04
C HIS A 446 1.72 -30.05 -6.12
N ASN A 447 1.25 -31.28 -5.91
CA ASN A 447 -0.03 -31.45 -5.26
C ASN A 447 0.01 -31.18 -3.76
N GLY A 448 1.23 -31.08 -3.22
CA GLY A 448 1.46 -30.53 -1.90
C GLY A 448 1.21 -29.05 -1.78
N ASN A 449 1.29 -28.32 -2.91
CA ASN A 449 1.09 -26.87 -2.97
C ASN A 449 -0.26 -26.42 -3.54
N ILE A 450 -1.14 -27.36 -3.83
CA ILE A 450 -2.47 -27.06 -4.32
C ILE A 450 -3.54 -27.63 -3.39
N LEU A 451 -4.40 -26.77 -2.87
CA LEU A 451 -5.47 -27.19 -1.96
C LEU A 451 -6.79 -27.44 -2.72
N LEU A 452 -7.64 -28.33 -2.20
CA LEU A 452 -8.98 -28.51 -2.74
C LEU A 452 -10.05 -28.19 -1.72
N ASP A 453 -10.92 -27.24 -2.05
CA ASP A 453 -11.96 -26.87 -1.09
C ASP A 453 -13.22 -27.71 -1.31
N ALA A 454 -14.14 -27.61 -0.36
CA ALA A 454 -15.29 -28.48 -0.32
C ALA A 454 -16.29 -28.20 -1.45
N GLU A 455 -16.09 -27.08 -2.13
CA GLU A 455 -16.96 -26.72 -3.26
C GLU A 455 -16.34 -27.04 -4.63
N GLY A 456 -15.08 -27.46 -4.64
CA GLY A 456 -14.41 -27.88 -5.87
C GLY A 456 -13.33 -27.00 -6.43
N HIS A 457 -13.10 -25.84 -5.84
CA HIS A 457 -11.99 -24.99 -6.26
C HIS A 457 -10.64 -25.56 -5.87
N ILE A 458 -9.65 -25.39 -6.72
CA ILE A 458 -8.27 -25.59 -6.28
C ILE A 458 -7.67 -24.22 -5.81
N ILE A 459 -6.62 -24.29 -5.01
CA ILE A 459 -5.90 -23.14 -4.47
C ILE A 459 -4.41 -23.32 -4.38
N HIS A 460 -3.65 -22.57 -5.13
CA HIS A 460 -2.21 -22.70 -5.05
C HIS A 460 -1.67 -22.01 -3.79
N ILE A 461 -0.53 -22.49 -3.27
CA ILE A 461 -0.03 -21.93 -2.02
C ILE A 461 1.47 -21.58 -1.92
N ASP A 462 2.39 -22.29 -2.51
CA ASP A 462 3.78 -21.92 -2.16
C ASP A 462 4.40 -20.98 -3.21
N PHE A 463 4.35 -19.66 -2.97
CA PHE A 463 4.83 -18.70 -3.98
C PHE A 463 6.29 -18.33 -3.87
N GLY A 464 7.08 -19.27 -3.39
CA GLY A 464 8.49 -19.30 -3.69
C GLY A 464 8.64 -19.68 -5.15
N PHE A 465 9.78 -19.33 -5.74
CA PHE A 465 10.07 -19.66 -7.14
C PHE A 465 9.09 -18.95 -8.06
N ILE A 466 9.20 -17.62 -8.14
CA ILE A 466 8.42 -16.80 -9.08
C ILE A 466 9.25 -15.77 -9.77
N LEU A 467 8.77 -15.35 -10.93
CA LEU A 467 9.41 -14.29 -11.70
C LEU A 467 10.82 -14.73 -12.05
N SER A 468 11.81 -13.90 -11.72
CA SER A 468 13.20 -14.17 -12.09
C SER A 468 13.81 -15.34 -11.29
N SER A 469 13.21 -15.70 -10.17
CA SER A 469 13.76 -16.75 -9.32
C SER A 469 13.73 -18.13 -10.00
N SER A 470 14.88 -18.83 -9.98
CA SER A 470 14.97 -20.17 -10.57
C SER A 470 15.74 -21.18 -9.71
N PHE A 481 2.96 -24.26 -13.83
CA PHE A 481 1.69 -24.98 -13.69
C PHE A 481 1.61 -26.16 -14.61
N LYS A 482 1.10 -27.25 -14.06
CA LYS A 482 1.07 -28.52 -14.74
C LYS A 482 -0.40 -28.94 -14.93
N LEU A 483 -0.76 -29.33 -16.14
CA LEU A 483 -2.09 -29.84 -16.40
C LEU A 483 -2.01 -31.33 -16.61
N THR A 484 -1.92 -32.06 -15.50
CA THR A 484 -1.79 -33.49 -15.56
C THR A 484 -3.11 -34.09 -16.05
N THR A 485 -3.03 -35.30 -16.56
CA THR A 485 -4.21 -35.96 -17.09
C THR A 485 -5.19 -36.28 -15.97
N GLU A 486 -4.68 -36.42 -14.74
CA GLU A 486 -5.53 -36.55 -13.57
C GLU A 486 -6.47 -35.34 -13.41
N PHE A 487 -5.93 -34.16 -13.73
CA PHE A 487 -6.70 -32.91 -13.72
C PHE A 487 -7.66 -32.79 -14.88
N VAL A 488 -7.20 -33.22 -16.06
CA VAL A 488 -7.99 -33.17 -17.28
C VAL A 488 -9.19 -34.11 -17.20
N ASP A 489 -9.00 -35.17 -16.43
CA ASP A 489 -10.04 -36.17 -16.22
C ASP A 489 -11.21 -35.57 -15.49
N VAL A 490 -10.91 -34.81 -14.43
CA VAL A 490 -11.94 -34.15 -13.66
C VAL A 490 -12.77 -33.21 -14.57
N MET A 491 -12.10 -32.67 -15.57
CA MET A 491 -12.73 -31.76 -16.49
C MET A 491 -13.56 -32.45 -17.55
N GLY A 492 -13.56 -33.78 -17.53
CA GLY A 492 -14.31 -34.56 -18.50
C GLY A 492 -13.57 -34.94 -19.77
N GLY A 493 -12.25 -34.69 -19.77
CA GLY A 493 -11.36 -35.16 -20.82
C GLY A 493 -11.10 -34.15 -21.89
N LEU A 494 -10.07 -34.36 -22.70
CA LEU A 494 -9.63 -33.33 -23.63
C LEU A 494 -10.66 -32.94 -24.67
N ASP A 495 -11.50 -33.87 -25.06
CA ASP A 495 -12.49 -33.53 -26.07
C ASP A 495 -13.69 -32.82 -25.42
N GLY A 496 -13.73 -32.80 -24.09
CA GLY A 496 -14.86 -32.30 -23.32
C GLY A 496 -15.18 -30.83 -23.52
N ASP A 497 -16.46 -30.50 -23.37
CA ASP A 497 -16.91 -29.12 -23.41
C ASP A 497 -16.38 -28.32 -22.22
N MET A 498 -16.40 -28.92 -21.04
CA MET A 498 -15.93 -28.27 -19.82
C MET A 498 -14.45 -27.97 -19.91
N PHE A 499 -13.73 -28.79 -20.64
CA PHE A 499 -12.31 -28.57 -20.85
C PHE A 499 -12.08 -27.43 -21.83
N ASN A 500 -12.81 -27.48 -22.94
CA ASN A 500 -12.81 -26.39 -23.90
C ASN A 500 -13.10 -25.06 -23.22
N TYR A 501 -14.02 -25.07 -22.27
CA TYR A 501 -14.43 -23.87 -21.56
C TYR A 501 -13.25 -23.38 -20.74
N TYR A 502 -12.48 -24.32 -20.19
CA TYR A 502 -11.26 -24.01 -19.46
C TYR A 502 -10.32 -23.18 -20.35
N LYS A 503 -10.22 -23.57 -21.60
CA LYS A 503 -9.38 -22.84 -22.55
C LYS A 503 -9.95 -21.45 -22.82
N MET A 504 -11.27 -21.38 -22.89
CA MET A 504 -12.01 -20.17 -23.14
C MET A 504 -11.82 -19.15 -21.98
N LEU A 505 -11.81 -19.66 -20.75
CA LEU A 505 -11.65 -18.85 -19.53
C LEU A 505 -10.27 -18.29 -19.48
N MET A 506 -9.30 -19.11 -19.88
CA MET A 506 -7.93 -18.68 -19.82
C MET A 506 -7.71 -17.48 -20.74
N LEU A 507 -8.18 -17.59 -21.99
CA LEU A 507 -8.15 -16.49 -22.97
C LEU A 507 -8.94 -15.29 -22.44
N GLN A 508 -10.18 -15.51 -22.02
CA GLN A 508 -11.01 -14.44 -21.50
C GLN A 508 -10.26 -13.70 -20.40
N GLY A 509 -9.68 -14.41 -19.47
CA GLY A 509 -8.97 -13.80 -18.36
C GLY A 509 -7.64 -13.16 -18.75
N LEU A 510 -7.05 -13.63 -19.85
CA LEU A 510 -5.77 -13.13 -20.35
C LEU A 510 -6.09 -11.77 -21.05
N ILE A 511 -7.15 -11.76 -21.84
CA ILE A 511 -7.58 -10.56 -22.48
C ILE A 511 -7.92 -9.50 -21.46
N ALA A 512 -8.52 -9.92 -20.37
CA ALA A 512 -8.89 -9.06 -19.28
C ALA A 512 -7.60 -8.56 -18.67
N ALA A 513 -6.65 -9.46 -18.49
CA ALA A 513 -5.40 -9.12 -17.83
C ALA A 513 -4.69 -7.98 -18.55
N ARG A 514 -4.61 -8.06 -19.88
CA ARG A 514 -4.02 -6.99 -20.68
C ARG A 514 -4.69 -5.62 -20.52
N LYS A 515 -6.01 -5.64 -20.39
CA LYS A 515 -6.77 -4.40 -20.27
C LYS A 515 -6.48 -3.65 -18.97
N HIS A 516 -5.75 -4.26 -18.04
CA HIS A 516 -5.48 -3.61 -16.77
C HIS A 516 -4.05 -3.89 -16.34
N MET A 517 -3.21 -4.27 -17.30
CA MET A 517 -1.82 -4.67 -17.03
C MET A 517 -0.99 -3.78 -16.12
N ASP A 518 -1.14 -2.48 -16.28
CA ASP A 518 -0.28 -1.52 -15.59
C ASP A 518 -0.47 -1.56 -14.06
N LYS A 519 -1.71 -1.77 -13.61
CA LYS A 519 -2.02 -1.90 -12.18
C LYS A 519 -1.28 -3.10 -11.53
N VAL A 520 -1.13 -4.17 -12.31
CA VAL A 520 -0.48 -5.38 -11.84
C VAL A 520 1.01 -5.13 -11.83
N VAL A 521 1.52 -4.69 -12.97
CA VAL A 521 2.95 -4.45 -13.09
C VAL A 521 3.44 -3.46 -12.06
N GLN A 522 2.63 -2.42 -11.82
CA GLN A 522 2.93 -1.40 -10.83
C GLN A 522 3.32 -2.01 -9.54
N ILE A 523 2.49 -2.95 -9.10
CA ILE A 523 2.60 -3.65 -7.80
C ILE A 523 3.91 -4.33 -7.67
N VAL A 524 4.28 -4.99 -8.74
CA VAL A 524 5.49 -5.74 -8.71
C VAL A 524 6.66 -4.78 -8.83
N GLU A 525 6.53 -3.81 -9.73
CA GLU A 525 7.66 -2.98 -10.14
C GLU A 525 8.19 -2.08 -9.04
N ILE A 526 7.26 -1.55 -8.26
CA ILE A 526 7.61 -0.72 -7.12
C ILE A 526 8.37 -1.57 -6.10
N MET A 527 7.91 -2.79 -5.89
CA MET A 527 8.44 -3.66 -4.83
C MET A 527 9.91 -4.03 -5.04
N GLN A 528 10.31 -4.08 -6.30
CA GLN A 528 11.65 -4.46 -6.72
C GLN A 528 12.65 -3.45 -6.16
N GLN A 529 12.14 -2.30 -5.71
CA GLN A 529 12.98 -1.17 -5.32
C GLN A 529 13.98 -1.64 -4.27
N GLY A 530 15.28 -1.40 -4.50
CA GLY A 530 16.32 -1.64 -3.50
C GLY A 530 16.21 -3.00 -2.82
N SER A 531 15.81 -4.00 -3.60
CA SER A 531 15.24 -5.23 -3.06
C SER A 531 16.30 -6.31 -3.08
N GLN A 532 16.33 -7.15 -2.04
CA GLN A 532 17.28 -8.26 -2.08
C GLN A 532 16.51 -9.58 -2.19
N LEU A 533 15.22 -9.49 -2.56
CA LEU A 533 14.42 -10.68 -2.80
C LEU A 533 14.97 -11.46 -3.99
N PRO A 534 15.02 -12.79 -3.88
CA PRO A 534 15.58 -13.70 -4.89
C PRO A 534 14.85 -13.61 -6.24
N CYS A 535 13.59 -13.22 -6.17
CA CYS A 535 12.77 -13.07 -7.36
C CYS A 535 13.17 -11.88 -8.20
N PHE A 536 13.95 -10.96 -7.65
CA PHE A 536 14.42 -9.82 -8.43
C PHE A 536 15.86 -9.91 -8.83
N HIS A 537 16.39 -11.12 -8.76
CA HIS A 537 17.79 -11.36 -8.98
C HIS A 537 18.18 -10.94 -10.41
N GLY A 538 17.25 -11.04 -11.35
CA GLY A 538 17.64 -10.77 -12.72
C GLY A 538 17.82 -9.29 -12.97
N SER A 539 18.34 -8.98 -14.17
CA SER A 539 18.49 -7.62 -14.64
C SER A 539 17.21 -7.09 -15.27
N SER A 540 16.38 -8.03 -15.68
CA SER A 540 15.22 -7.69 -16.49
C SER A 540 14.00 -8.40 -15.92
N THR A 541 13.88 -8.34 -14.61
CA THR A 541 12.85 -9.09 -13.91
C THR A 541 11.50 -8.54 -14.36
N ILE A 542 11.34 -7.21 -14.21
CA ILE A 542 10.11 -6.48 -14.56
C ILE A 542 9.87 -6.44 -16.05
N ARG A 543 10.96 -6.34 -16.80
CA ARG A 543 10.83 -6.28 -18.25
C ARG A 543 10.27 -7.61 -18.79
N ASN A 544 10.75 -8.74 -18.24
CA ASN A 544 10.27 -10.06 -18.65
C ASN A 544 8.82 -10.25 -18.27
N LEU A 545 8.46 -9.74 -17.10
CA LEU A 545 7.08 -9.82 -16.64
C LEU A 545 6.11 -9.16 -17.62
N LYS A 546 6.47 -7.97 -18.12
CA LYS A 546 5.62 -7.23 -19.05
C LYS A 546 5.47 -7.94 -20.37
N GLU A 547 6.57 -8.53 -20.85
CA GLU A 547 6.55 -9.28 -22.11
C GLU A 547 5.53 -10.41 -22.06
N ARG A 548 5.36 -10.96 -20.86
CA ARG A 548 4.51 -12.12 -20.62
C ARG A 548 3.06 -11.73 -20.71
N PHE A 549 2.77 -10.43 -20.71
CA PHE A 549 1.43 -9.95 -21.02
C PHE A 549 1.16 -9.89 -22.53
N HIS A 550 2.22 -9.98 -23.35
CA HIS A 550 2.08 -9.94 -24.83
C HIS A 550 1.18 -8.83 -25.32
N MET A 551 1.47 -7.60 -24.88
CA MET A 551 0.59 -6.51 -25.25
C MET A 551 0.48 -6.35 -26.74
N SER A 552 1.52 -6.77 -27.46
CA SER A 552 1.51 -6.63 -28.91
C SER A 552 0.61 -7.61 -29.68
N MET A 553 0.25 -8.75 -29.08
CA MET A 553 -0.42 -9.83 -29.81
C MET A 553 -1.90 -9.53 -30.20
N THR A 554 -2.30 -10.04 -31.36
CA THR A 554 -3.70 -10.06 -31.74
C THR A 554 -4.44 -11.24 -31.08
N GLU A 555 -5.77 -11.17 -30.99
CA GLU A 555 -6.47 -12.22 -30.28
C GLU A 555 -6.25 -13.59 -30.94
N GLU A 556 -6.26 -13.64 -32.28
CA GLU A 556 -5.92 -14.89 -32.97
C GLU A 556 -4.55 -15.38 -32.53
N GLN A 557 -3.60 -14.47 -32.36
CA GLN A 557 -2.29 -14.87 -31.87
C GLN A 557 -2.44 -15.37 -30.44
N LEU A 558 -3.35 -14.76 -29.70
CA LEU A 558 -3.47 -15.13 -28.31
C LEU A 558 -4.17 -16.48 -28.19
N GLN A 559 -5.16 -16.72 -29.03
CA GLN A 559 -5.81 -18.02 -29.08
C GLN A 559 -4.79 -19.10 -29.26
N LEU A 560 -3.88 -18.84 -30.18
CA LEU A 560 -2.80 -19.77 -30.48
C LEU A 560 -1.87 -19.89 -29.26
N LEU A 561 -1.57 -18.78 -28.61
CA LEU A 561 -0.70 -18.80 -27.44
C LEU A 561 -1.30 -19.57 -26.27
N VAL A 562 -2.62 -19.42 -26.09
CA VAL A 562 -3.33 -20.16 -25.07
C VAL A 562 -3.28 -21.66 -25.35
N GLU A 563 -3.45 -22.02 -26.61
CA GLU A 563 -3.40 -23.41 -27.04
C GLU A 563 -2.02 -23.97 -26.69
N GLN A 564 -1.00 -23.19 -27.02
CA GLN A 564 0.40 -23.55 -26.80
C GLN A 564 0.68 -23.73 -25.33
N MET A 565 0.17 -22.80 -24.53
CA MET A 565 0.28 -22.88 -23.08
C MET A 565 -0.22 -24.19 -22.51
N VAL A 566 -1.40 -24.60 -22.97
CA VAL A 566 -2.04 -25.79 -22.43
C VAL A 566 -1.19 -26.98 -22.82
N ASP A 567 -0.80 -27.02 -24.07
CA ASP A 567 0.10 -28.06 -24.55
C ASP A 567 1.37 -28.21 -23.68
N GLY A 568 1.99 -27.10 -23.29
CA GLY A 568 3.16 -27.17 -22.41
C GLY A 568 2.84 -27.80 -21.08
N SER A 569 1.64 -27.54 -20.59
CA SER A 569 1.24 -27.94 -19.24
C SER A 569 1.02 -29.48 -19.19
N MET A 570 0.87 -30.11 -20.36
CA MET A 570 0.55 -31.54 -20.46
C MET A 570 1.77 -32.44 -20.58
N ARG A 571 2.84 -31.93 -21.18
CA ARG A 571 4.05 -32.72 -21.38
C ARG A 571 4.53 -33.34 -20.07
N SER A 572 4.34 -32.59 -18.98
CA SER A 572 4.80 -32.92 -17.62
C SER A 572 6.13 -32.19 -17.37
N TYR B 13 -1.35 54.81 -17.18
CA TYR B 13 -0.38 54.15 -16.29
C TYR B 13 0.27 55.20 -15.40
N ASP B 14 -0.40 55.49 -14.29
CA ASP B 14 -0.03 56.58 -13.39
C ASP B 14 1.33 56.41 -12.75
N TYR B 15 1.65 55.18 -12.38
CA TYR B 15 2.88 54.89 -11.68
C TYR B 15 3.53 53.63 -12.23
N LEU B 16 4.75 53.38 -11.74
CA LEU B 16 5.48 52.17 -12.06
C LEU B 16 6.22 51.58 -10.83
N PHE B 17 5.70 50.48 -10.31
CA PHE B 17 6.27 49.86 -9.11
C PHE B 17 7.08 48.63 -9.42
N LYS B 18 8.35 48.68 -9.05
CA LYS B 18 9.22 47.54 -9.25
C LYS B 18 9.21 46.69 -7.99
N VAL B 19 8.80 45.45 -8.17
CA VAL B 19 8.71 44.52 -7.07
C VAL B 19 9.50 43.24 -7.36
N VAL B 20 10.18 42.72 -6.32
CA VAL B 20 10.95 41.49 -6.45
C VAL B 20 10.31 40.40 -5.65
N LEU B 21 10.45 39.18 -6.18
CA LEU B 21 10.11 37.96 -5.48
C LEU B 21 11.33 37.20 -5.03
N ILE B 22 11.40 36.96 -3.74
CA ILE B 22 12.50 36.19 -3.24
C ILE B 22 12.08 35.01 -2.36
N GLY B 23 12.98 34.04 -2.22
CA GLY B 23 12.75 32.88 -1.39
C GLY B 23 13.59 31.73 -1.88
N ASP B 24 13.63 30.67 -1.07
CA ASP B 24 14.37 29.46 -1.38
C ASP B 24 13.87 28.82 -2.64
N SER B 25 14.71 28.03 -3.29
CA SER B 25 14.29 27.35 -4.51
C SER B 25 13.20 26.35 -4.19
N GLY B 26 12.09 26.45 -4.93
CA GLY B 26 11.00 25.50 -4.82
C GLY B 26 9.77 25.99 -4.08
N VAL B 27 9.89 27.11 -3.39
CA VAL B 27 8.84 27.58 -2.49
C VAL B 27 7.64 28.11 -3.26
N GLY B 28 7.85 28.48 -4.53
CA GLY B 28 6.74 28.85 -5.38
C GLY B 28 6.78 30.29 -5.89
N LYS B 29 7.95 30.92 -5.83
CA LYS B 29 8.07 32.31 -6.28
C LYS B 29 7.57 32.31 -7.74
N SER B 30 8.05 31.39 -8.56
CA SER B 30 7.78 31.43 -10.00
C SER B 30 6.31 31.18 -10.35
N ASN B 31 5.62 30.38 -9.54
CA ASN B 31 4.20 30.10 -9.76
C ASN B 31 3.28 31.16 -9.15
N LEU B 32 3.69 31.77 -8.05
CA LEU B 32 3.02 32.98 -7.58
C LEU B 32 2.96 34.01 -8.72
N LEU B 33 4.08 34.24 -9.40
CA LEU B 33 4.12 35.19 -10.49
C LEU B 33 3.21 34.83 -11.64
N SER B 34 3.15 33.58 -12.02
CA SER B 34 2.33 33.25 -13.17
C SER B 34 0.84 33.27 -12.80
N ARG B 35 0.48 32.92 -11.57
CA ARG B 35 -0.94 33.00 -11.16
C ARG B 35 -1.41 34.44 -11.19
N PHE B 36 -0.67 35.29 -10.48
CA PHE B 36 -0.99 36.73 -10.28
C PHE B 36 -0.97 37.53 -11.56
N THR B 37 -0.06 37.16 -12.45
CA THR B 37 0.13 37.91 -13.66
C THR B 37 -0.48 37.35 -14.92
N ARG B 38 -0.64 36.05 -15.00
CA ARG B 38 -1.33 35.52 -16.15
C ARG B 38 -2.35 34.41 -15.81
N ASN B 39 -2.66 34.29 -14.51
CA ASN B 39 -3.63 33.29 -14.00
C ASN B 39 -3.36 31.92 -14.56
N GLU B 40 -2.13 31.45 -14.37
CA GLU B 40 -1.71 30.17 -14.85
C GLU B 40 -0.95 29.49 -13.73
N PHE B 41 -1.00 28.16 -13.69
CA PHE B 41 -0.32 27.42 -12.67
C PHE B 41 0.26 26.21 -13.37
N ASN B 42 1.32 25.66 -12.82
CA ASN B 42 1.83 24.41 -13.34
C ASN B 42 2.48 23.57 -12.23
N LEU B 43 2.15 22.28 -12.15
CA LEU B 43 2.80 21.37 -11.21
C LEU B 43 4.21 21.09 -11.66
N GLU B 44 4.36 20.90 -12.96
CA GLU B 44 5.69 20.70 -13.50
C GLU B 44 6.41 22.03 -13.54
N SER B 45 7.69 22.03 -13.21
CA SER B 45 8.38 23.30 -13.00
C SER B 45 9.76 23.37 -13.62
N LYS B 46 10.16 24.59 -14.01
CA LYS B 46 11.52 24.83 -14.44
C LYS B 46 12.09 25.80 -13.44
N SER B 47 13.21 25.37 -12.86
CA SER B 47 13.96 26.20 -11.97
C SER B 47 14.20 27.49 -12.68
N THR B 48 14.07 28.57 -11.94
CA THR B 48 14.23 29.90 -12.50
C THR B 48 15.72 30.17 -12.68
N ILE B 49 16.12 30.44 -13.90
CA ILE B 49 17.53 30.72 -14.14
C ILE B 49 17.70 32.22 -14.10
N GLY B 50 18.21 32.71 -12.96
CA GLY B 50 18.46 34.13 -12.81
C GLY B 50 17.25 34.95 -12.43
N VAL B 51 16.47 35.35 -13.43
CA VAL B 51 15.35 36.24 -13.20
C VAL B 51 14.30 35.99 -14.27
N GLU B 52 13.03 36.18 -13.93
CA GLU B 52 12.01 36.17 -14.95
C GLU B 52 11.14 37.38 -14.71
N PHE B 53 10.60 37.94 -15.78
CA PHE B 53 9.89 39.21 -15.70
C PHE B 53 8.44 39.08 -16.07
N ALA B 54 7.57 39.63 -15.26
CA ALA B 54 6.19 39.72 -15.66
C ALA B 54 5.55 40.93 -15.02
N THR B 55 4.50 41.39 -15.68
CA THR B 55 3.93 42.66 -15.32
C THR B 55 2.41 42.67 -15.30
N ARG B 56 1.88 43.45 -14.35
CA ARG B 56 0.46 43.68 -14.26
C ARG B 56 0.14 44.97 -13.52
N SER B 57 -0.86 45.67 -14.03
CA SER B 57 -1.34 46.96 -13.57
C SER B 57 -2.63 46.86 -12.73
N ILE B 58 -2.70 47.62 -11.64
CA ILE B 58 -3.91 47.72 -10.81
C ILE B 58 -4.28 49.15 -10.41
N GLN B 59 -5.45 49.35 -9.79
CA GLN B 59 -5.82 50.67 -9.24
C GLN B 59 -5.95 50.64 -7.71
N VAL B 60 -5.29 51.59 -7.05
CA VAL B 60 -5.47 51.77 -5.61
C VAL B 60 -5.81 53.23 -5.28
N ASP B 61 -6.84 53.39 -4.45
CA ASP B 61 -7.33 54.71 -4.04
C ASP B 61 -7.53 55.62 -5.25
N GLY B 62 -8.04 55.02 -6.33
CA GLY B 62 -8.40 55.76 -7.52
C GLY B 62 -7.27 55.95 -8.51
N LYS B 63 -6.13 55.30 -8.25
CA LYS B 63 -4.93 55.55 -9.06
C LYS B 63 -4.35 54.29 -9.77
N THR B 64 -4.03 54.41 -11.06
CA THR B 64 -3.45 53.30 -11.85
C THR B 64 -1.96 53.08 -11.63
N ILE B 65 -1.60 51.97 -11.00
CA ILE B 65 -0.19 51.59 -10.80
C ILE B 65 0.20 50.40 -11.67
N LYS B 66 1.13 50.57 -12.59
CA LYS B 66 1.63 49.38 -13.28
C LYS B 66 2.81 48.81 -12.50
N ALA B 67 2.72 47.54 -12.08
CA ALA B 67 3.77 46.88 -11.29
C ALA B 67 4.67 46.01 -12.17
N GLN B 68 5.99 46.12 -11.95
CA GLN B 68 6.96 45.28 -12.65
C GLN B 68 7.60 44.30 -11.71
N ILE B 69 7.24 43.02 -11.93
CA ILE B 69 7.62 41.93 -11.05
C ILE B 69 8.77 41.12 -11.61
N TRP B 70 9.73 40.91 -10.71
CA TRP B 70 10.94 40.18 -11.00
C TRP B 70 10.96 38.90 -10.19
N ASP B 71 10.95 37.80 -10.91
CA ASP B 71 10.99 36.47 -10.33
C ASP B 71 12.47 36.04 -10.31
N THR B 72 13.10 36.13 -9.14
CA THR B 72 14.50 35.69 -8.96
C THR B 72 14.69 34.18 -8.57
N ALA B 73 15.88 33.81 -8.09
CA ALA B 73 16.17 32.37 -7.91
C ALA B 73 16.78 32.05 -6.52
N GLY B 74 16.79 30.76 -6.17
CA GLY B 74 17.42 30.28 -4.95
C GLY B 74 18.83 29.76 -5.13
N ARG B 79 23.17 29.77 -9.01
CA ARG B 79 22.56 31.00 -9.51
C ARG B 79 22.20 31.92 -8.35
N ALA B 80 22.99 31.82 -7.28
CA ALA B 80 22.79 32.59 -6.06
C ALA B 80 22.90 34.11 -6.37
N ILE B 81 23.76 34.46 -7.31
CA ILE B 81 24.08 35.86 -7.59
C ILE B 81 23.02 36.49 -8.51
N THR B 82 21.84 36.71 -7.95
CA THR B 82 20.81 37.49 -8.62
C THR B 82 20.63 38.83 -7.99
N SER B 83 21.40 39.01 -6.92
CA SER B 83 21.26 40.13 -5.99
C SER B 83 21.11 41.48 -6.73
N ALA B 84 21.67 41.56 -7.92
CA ALA B 84 21.66 42.79 -8.68
C ALA B 84 20.28 43.43 -8.82
N TYR B 85 19.26 42.60 -9.07
CA TYR B 85 17.93 43.15 -9.40
C TYR B 85 17.23 43.74 -8.20
N TYR B 86 17.74 43.49 -7.00
CA TYR B 86 17.07 43.96 -5.80
C TYR B 86 17.02 45.49 -5.77
N ARG B 87 18.04 46.11 -6.34
CA ARG B 87 18.25 47.56 -6.23
C ARG B 87 17.09 48.30 -6.87
N GLY B 88 16.68 49.40 -6.24
CA GLY B 88 15.64 50.26 -6.80
C GLY B 88 14.28 49.59 -6.87
N ALA B 89 14.02 48.61 -5.99
CA ALA B 89 12.71 47.98 -5.87
C ALA B 89 11.96 48.56 -4.67
N VAL B 90 10.69 48.89 -4.87
CA VAL B 90 9.89 49.50 -3.80
C VAL B 90 9.29 48.46 -2.87
N GLY B 91 9.09 47.26 -3.39
CA GLY B 91 8.47 46.18 -2.64
C GLY B 91 9.09 44.83 -2.95
N ALA B 92 9.10 43.93 -1.99
CA ALA B 92 9.64 42.61 -2.26
C ALA B 92 8.80 41.56 -1.56
N LEU B 93 8.29 40.60 -2.32
CA LEU B 93 7.64 39.44 -1.73
C LEU B 93 8.64 38.33 -1.45
N LEU B 94 8.80 38.11 -0.15
CA LEU B 94 9.71 37.11 0.38
C LEU B 94 8.84 35.92 0.68
N VAL B 95 9.07 34.83 -0.05
CA VAL B 95 8.15 33.69 -0.01
C VAL B 95 8.79 32.48 0.63
N TYR B 96 7.98 31.78 1.42
CA TYR B 96 8.42 30.50 1.93
C TYR B 96 7.31 29.50 1.67
N ASP B 97 7.69 28.23 1.64
CA ASP B 97 6.76 27.15 1.47
C ASP B 97 6.30 26.72 2.86
N ILE B 98 5.01 26.93 3.14
CA ILE B 98 4.42 26.50 4.41
C ILE B 98 4.66 25.04 4.74
N ALA B 99 4.82 24.21 3.72
CA ALA B 99 4.97 22.76 3.91
C ALA B 99 6.41 22.26 4.02
N LYS B 100 7.38 23.16 3.95
CA LYS B 100 8.78 22.78 4.12
C LYS B 100 9.46 23.71 5.10
N HIS B 101 9.55 23.27 6.36
CA HIS B 101 9.99 24.12 7.44
C HIS B 101 11.31 24.82 7.11
N LEU B 102 12.22 24.07 6.47
CA LEU B 102 13.52 24.60 6.15
C LEU B 102 13.38 25.91 5.38
N THR B 103 12.39 25.99 4.50
CA THR B 103 12.17 27.21 3.71
C THR B 103 11.75 28.42 4.56
N TYR B 104 11.02 28.17 5.64
CA TYR B 104 10.62 29.18 6.62
C TYR B 104 11.78 29.58 7.50
N GLU B 105 12.62 28.62 7.81
CA GLU B 105 13.76 28.86 8.65
C GLU B 105 14.72 29.89 8.01
N ASN B 106 14.93 29.81 6.69
CA ASN B 106 15.88 30.70 6.02
C ASN B 106 15.32 32.08 5.77
N VAL B 107 14.08 32.32 6.18
CA VAL B 107 13.45 33.63 5.98
C VAL B 107 14.17 34.69 6.80
N GLU B 108 14.81 34.25 7.88
CA GLU B 108 15.57 35.15 8.71
C GLU B 108 16.80 35.54 7.90
N ARG B 109 17.35 34.57 7.18
CA ARG B 109 18.53 34.82 6.35
C ARG B 109 18.10 35.57 5.10
N TRP B 110 16.84 35.39 4.70
CA TRP B 110 16.34 36.12 3.53
C TRP B 110 15.99 37.58 3.83
N LEU B 111 15.81 37.90 5.10
CA LEU B 111 15.52 39.28 5.47
C LEU B 111 16.87 39.94 5.75
N LYS B 112 17.82 39.12 6.17
CA LYS B 112 19.21 39.51 6.29
C LYS B 112 19.74 39.85 4.92
N GLU B 113 19.34 39.05 3.93
CA GLU B 113 19.61 39.37 2.54
C GLU B 113 19.23 40.80 2.09
N LEU B 114 17.94 41.16 2.12
CA LEU B 114 17.52 42.54 1.80
C LEU B 114 18.18 43.63 2.61
N ARG B 115 18.61 43.25 3.81
CA ARG B 115 19.33 44.17 4.65
C ARG B 115 20.81 44.08 4.37
N ASP B 116 21.17 43.45 3.26
CA ASP B 116 22.51 43.56 2.74
C ASP B 116 22.53 44.16 1.32
N HIS B 117 21.54 43.81 0.48
CA HIS B 117 21.59 44.21 -0.94
C HIS B 117 20.41 45.04 -1.42
N ALA B 118 19.60 45.54 -0.50
CA ALA B 118 18.39 46.20 -0.94
C ALA B 118 18.02 47.34 -0.04
N ASP B 119 17.17 48.22 -0.57
CA ASP B 119 16.72 49.44 0.12
C ASP B 119 16.27 49.12 1.55
N SER B 120 16.75 49.93 2.51
CA SER B 120 16.45 49.69 3.93
C SER B 120 15.05 50.15 4.27
N ASN B 121 14.39 50.75 3.28
CA ASN B 121 13.04 51.24 3.48
C ASN B 121 12.14 50.67 2.39
N ILE B 122 12.19 49.35 2.28
CA ILE B 122 11.46 48.61 1.27
C ILE B 122 10.29 47.88 1.89
N VAL B 123 9.17 47.79 1.16
CA VAL B 123 8.02 47.07 1.67
C VAL B 123 8.17 45.58 1.42
N ILE B 124 8.07 44.80 2.51
CA ILE B 124 8.22 43.34 2.48
C ILE B 124 6.96 42.64 2.97
N MET B 125 6.55 41.64 2.22
CA MET B 125 5.51 40.74 2.70
C MET B 125 6.05 39.32 2.90
N LEU B 126 5.79 38.80 4.10
CA LEU B 126 6.10 37.43 4.31
C LEU B 126 4.93 36.65 3.76
N VAL B 127 5.25 35.63 2.97
CA VAL B 127 4.22 34.86 2.31
C VAL B 127 4.41 33.38 2.55
N GLY B 128 3.40 32.79 3.18
CA GLY B 128 3.29 31.35 3.27
C GLY B 128 2.50 30.84 2.08
N ASN B 129 3.20 30.14 1.20
CA ASN B 129 2.56 29.63 0.00
C ASN B 129 2.25 28.12 0.10
N LYS B 130 1.34 27.68 -0.77
CA LYS B 130 0.89 26.30 -0.79
C LYS B 130 0.00 26.00 0.41
N SER B 131 -0.96 26.88 0.67
CA SER B 131 -1.86 26.71 1.81
C SER B 131 -2.82 25.56 1.58
N ASP B 132 -2.97 25.13 0.33
CA ASP B 132 -3.79 23.94 -0.02
C ASP B 132 -3.26 22.61 0.56
N LEU B 133 -1.95 22.52 0.78
CA LEU B 133 -1.39 21.33 1.37
C LEU B 133 -1.65 21.37 2.86
N ARG B 134 -2.94 21.40 3.21
CA ARG B 134 -3.38 21.51 4.60
C ARG B 134 -2.70 20.45 5.45
N HIS B 135 -2.77 19.20 4.97
CA HIS B 135 -2.31 18.07 5.76
C HIS B 135 -0.79 18.00 5.89
N LEU B 136 -0.06 18.76 5.08
CA LEU B 136 1.40 18.72 5.16
C LEU B 136 1.99 19.94 5.87
N ARG B 137 1.13 20.78 6.43
CA ARG B 137 1.61 22.03 7.01
C ARG B 137 2.71 21.82 8.04
N ALA B 138 3.83 22.50 7.83
CA ALA B 138 5.00 22.36 8.69
C ALA B 138 5.37 23.67 9.38
N VAL B 139 4.59 24.71 9.09
CA VAL B 139 4.78 26.03 9.68
C VAL B 139 3.42 26.59 10.06
N PRO B 140 3.17 26.69 11.37
CA PRO B 140 1.87 27.17 11.82
C PRO B 140 1.72 28.66 11.52
N THR B 141 0.51 29.00 11.12
CA THR B 141 0.19 30.35 10.73
C THR B 141 0.51 31.29 11.90
N ASP B 142 0.28 30.82 13.12
CA ASP B 142 0.54 31.64 14.29
C ASP B 142 2.02 31.91 14.47
N GLU B 143 2.84 30.88 14.35
CA GLU B 143 4.27 31.05 14.48
C GLU B 143 4.81 32.07 13.45
N ALA B 144 4.27 32.03 12.23
CA ALA B 144 4.72 32.92 11.15
C ALA B 144 4.35 34.38 11.43
N ARG B 145 3.07 34.61 11.71
CA ARG B 145 2.56 35.95 11.99
C ARG B 145 3.19 36.54 13.23
N ALA B 146 3.58 35.67 14.16
CA ALA B 146 4.36 36.10 15.31
C ALA B 146 5.68 36.71 14.88
N PHE B 147 6.47 35.97 14.10
CA PHE B 147 7.71 36.53 13.54
C PHE B 147 7.39 37.76 12.67
N ALA B 148 6.22 37.75 12.04
CA ALA B 148 5.82 38.82 11.13
C ALA B 148 5.75 40.15 11.90
N GLU B 149 5.05 40.14 13.04
CA GLU B 149 4.86 41.36 13.80
C GLU B 149 5.96 41.55 14.84
N LYS B 150 6.70 40.49 15.13
CA LYS B 150 7.97 40.61 15.84
C LYS B 150 8.90 41.45 14.98
N ASN B 151 8.71 41.38 13.67
CA ASN B 151 9.52 42.16 12.75
C ASN B 151 8.68 43.21 12.12
N GLY B 152 9.20 43.75 11.03
CA GLY B 152 8.48 44.72 10.27
C GLY B 152 7.93 44.22 8.97
N LEU B 153 7.41 43.00 8.96
CA LEU B 153 6.89 42.45 7.72
C LEU B 153 5.37 42.27 7.80
N SER B 154 4.72 42.49 6.66
CA SER B 154 3.32 42.15 6.47
C SER B 154 3.22 40.67 6.10
N PHE B 155 2.09 40.07 6.40
CA PHE B 155 2.00 38.63 6.37
C PHE B 155 0.69 38.13 5.77
N ILE B 156 0.78 37.03 5.03
CA ILE B 156 -0.40 36.42 4.44
C ILE B 156 -0.06 35.00 4.02
N GLU B 157 -1.06 34.12 3.92
CA GLU B 157 -0.82 32.78 3.37
C GLU B 157 -1.56 32.57 2.09
N THR B 158 -0.85 32.04 1.11
CA THR B 158 -1.41 31.82 -0.21
C THR B 158 -1.34 30.41 -0.73
N SER B 159 -2.16 30.13 -1.73
CA SER B 159 -1.96 28.99 -2.58
C SER B 159 -1.95 29.37 -4.03
N ALA B 160 -0.80 29.29 -4.66
CA ALA B 160 -0.78 29.45 -6.11
C ALA B 160 -1.65 28.40 -6.84
N LEU B 161 -1.78 27.19 -6.31
CA LEU B 161 -2.52 26.14 -7.03
C LEU B 161 -4.01 26.51 -7.12
N ASP B 162 -4.64 26.75 -5.97
CA ASP B 162 -6.05 27.11 -5.97
C ASP B 162 -6.37 28.60 -6.09
N SER B 163 -5.32 29.45 -5.98
CA SER B 163 -5.35 30.92 -6.17
C SER B 163 -5.78 31.77 -4.93
N THR B 164 -6.10 31.12 -3.82
CA THR B 164 -6.35 31.81 -2.53
C THR B 164 -5.36 32.91 -2.17
N ASN B 165 -5.87 34.11 -1.93
CA ASN B 165 -5.07 35.20 -1.39
C ASN B 165 -4.01 35.65 -2.36
N VAL B 166 -4.05 35.15 -3.60
CA VAL B 166 -2.99 35.50 -4.55
C VAL B 166 -3.16 36.99 -4.91
N GLU B 167 -4.38 37.36 -5.32
CA GLU B 167 -4.71 38.76 -5.55
C GLU B 167 -4.46 39.53 -4.28
N ALA B 168 -4.97 39.02 -3.16
CA ALA B 168 -4.81 39.66 -1.88
C ALA B 168 -3.33 39.97 -1.67
N ALA B 169 -2.45 39.03 -1.99
CA ALA B 169 -1.01 39.22 -1.70
C ALA B 169 -0.48 40.49 -2.37
N PHE B 170 -0.64 40.55 -3.68
CA PHE B 170 -0.27 41.73 -4.44
C PHE B 170 -0.94 42.99 -3.97
N GLN B 171 -2.27 42.93 -3.88
CA GLN B 171 -3.06 44.11 -3.56
C GLN B 171 -2.67 44.66 -2.19
N THR B 172 -2.31 43.79 -1.25
CA THR B 172 -1.79 44.29 0.03
C THR B 172 -0.50 45.09 -0.15
N ILE B 173 0.51 44.49 -0.80
CA ILE B 173 1.81 45.17 -0.90
C ILE B 173 1.71 46.45 -1.77
N LEU B 174 0.86 46.44 -2.78
CA LEU B 174 0.71 47.61 -3.64
C LEU B 174 0.00 48.76 -2.89
N THR B 175 -1.01 48.41 -2.09
CA THR B 175 -1.69 49.40 -1.26
C THR B 175 -0.74 49.98 -0.24
N GLU B 176 -0.03 49.11 0.46
CA GLU B 176 1.00 49.54 1.40
C GLU B 176 2.00 50.52 0.83
N ILE B 177 2.49 50.23 -0.37
CA ILE B 177 3.39 51.13 -1.05
C ILE B 177 2.76 52.51 -1.28
N TYR B 178 1.60 52.56 -1.94
CA TYR B 178 0.98 53.85 -2.24
C TYR B 178 0.80 54.71 -0.98
N ARG B 179 0.77 54.04 0.17
CA ARG B 179 0.68 54.71 1.46
C ARG B 179 1.96 55.46 1.78
N ILE B 180 2.89 55.53 0.83
CA ILE B 180 4.12 56.28 1.07
C ILE B 180 4.07 57.70 0.46
N VAL B 181 2.88 58.29 0.55
CA VAL B 181 2.65 59.56 -0.09
C VAL B 181 3.53 60.59 0.59
N SER B 182 4.27 61.31 -0.25
CA SER B 182 5.30 62.23 0.21
C SER B 182 4.65 63.62 0.20
N GLN B 183 4.84 64.36 1.30
CA GLN B 183 4.23 65.67 1.47
C GLN B 183 5.25 66.82 1.48
C1 5W3 C . -2.59 -22.46 3.83
C2 5W3 C . -1.14 -22.21 3.53
C3 5W3 C . -0.86 -21.38 2.47
C4 5W3 C . 0.45 -21.09 2.16
C5 5W3 C . 1.54 -21.61 2.87
C6 5W3 C . 1.30 -22.46 3.95
C7 5W3 C . -0.04 -22.74 4.28
S8 5W3 C . 2.56 -23.09 4.77
O9 5W3 C . 2.13 -23.68 6.01
O10 5W3 C . 3.49 -22.05 5.08
N11 5W3 C . 3.31 -24.28 3.95
O17 5W3 C . 2.82 -21.23 2.45
C18 5W3 C . 3.68 -22.09 1.71
C19 5W3 C . -3.87 -21.70 3.73
C20 5W3 C . -4.13 -20.32 3.20
N21 5W3 C . -4.83 -22.55 4.20
N22 5W3 C . -2.91 -23.64 4.36
C23 5W3 C . -4.23 -23.72 4.60
N24 5W3 C . -2.03 -24.67 4.65
C25 5W3 C . -2.44 -25.84 5.20
C26 5W3 C . -3.82 -26.00 5.47
C27 5W3 C . -4.77 -25.00 5.19
CL 5W3 C . -1.17 -27.11 5.54
N29 5W3 C . -6.08 -25.19 5.49
C30 5W3 C . -6.51 -25.25 6.89
C31 5W3 C . -7.93 -24.78 7.25
N32 5W3 C . -8.60 -25.55 8.34
C33 5W3 C . -9.64 -26.42 8.22
C34 5W3 C . -9.77 -27.25 6.97
O35 5W3 C . -10.47 -26.56 9.14
C11 5W3 C . 2.38 -25.42 3.83
C12 5W3 C . 3.12 -26.65 3.30
O1 5W3 C . 2.29 -27.81 3.49
PG GSP D . 12.72 28.34 -8.24
O3B GSP D . 11.78 28.61 -7.00
S1G GSP D . 14.42 29.17 -7.81
O2G GSP D . 12.08 28.95 -9.54
O3G GSP D . 12.93 26.77 -8.35
PB GSP D . 10.23 28.75 -7.21
O1B GSP D . 9.98 30.04 -7.97
O2B GSP D . 9.45 28.67 -5.94
PA GSP D . 8.31 27.26 -8.54
O1A GSP D . 7.42 28.34 -8.03
O2A GSP D . 8.30 27.08 -10.04
O3A GSP D . 9.79 27.52 -8.13
O5' GSP D . 7.73 26.01 -7.72
C5' GSP D . 7.95 24.67 -8.23
C4' GSP D . 7.01 23.73 -7.53
O4' GSP D . 6.39 24.28 -6.53
C3' GSP D . 5.86 23.28 -8.66
O3' GSP D . 5.90 21.82 -8.76
C2' GSP D . 4.78 23.76 -8.26
O2' GSP D . 3.59 22.91 -8.64
C1' GSP D . 4.96 23.75 -6.69
N9 GSP D . 4.01 24.42 -6.09
C8 GSP D . 4.23 25.73 -6.33
N7 GSP D . 3.23 26.41 -5.70
C5 GSP D . 2.38 25.55 -5.11
C6 GSP D . 1.12 25.76 -4.28
O6 GSP D . 0.71 26.86 -4.08
N1 GSP D . 0.44 24.65 -3.76
C2 GSP D . 0.93 23.34 -4.01
N2 GSP D . 0.25 22.19 -3.49
N3 GSP D . 2.17 23.15 -4.81
C4 GSP D . 2.87 24.31 -5.35
HOG2 GSP D . 12.22 28.40 -10.25
HOG3 GSP D . 13.76 26.57 -8.17
H5'1 GSP D . 8.89 24.40 -8.04
H5'2 GSP D . 7.78 24.64 -9.19
H4' GSP D . 7.49 22.94 -7.21
H3' GSP D . 6.09 23.67 -9.53
HO3' GSP D . 6.63 21.57 -9.19
H2' GSP D . 4.67 24.67 -8.58
HO2' GSP D . 3.53 22.21 -8.10
H1' GSP D . 4.94 22.82 -6.36
H8 GSP D . 4.98 26.12 -6.84
HN1 GSP D . -0.33 24.77 -3.27
HN21 GSP D . -0.51 22.29 -3.00
HN22 GSP D . 0.58 21.34 -3.66
#